data_4E0U
#
_entry.id   4E0U
#
_cell.length_a   137.730
_cell.length_b   137.730
_cell.length_c   170.510
_cell.angle_alpha   90.00
_cell.angle_beta   90.00
_cell.angle_gamma   90.00
#
_symmetry.space_group_name_H-M   'P 43 21 2'
#
loop_
_entity.id
_entity.type
_entity.pdbx_description
1 polymer 'Cyclic dipeptide N-prenyltransferase'
2 non-polymer (3S)-3-(1H-indol-3-ylmethyl)-3,4-dihydro-1H-1,4-benzodiazepine-2,5-dione
3 non-polymer 'TRIHYDROGEN THIODIPHOSPHATE'
4 non-polymer IMIDAZOLE
5 non-polymer 1,2-ETHANEDIOL
6 non-polymer 'SODIUM ION'
7 water water
#
_entity_poly.entity_id   1
_entity_poly.type   'polypeptide(L)'
_entity_poly.pdbx_seq_one_letter_code
;HHHHHHSSGLVPRGSHQSQAPIPKDIAYHTLTKALLFPDIDQYQHWHHVAPMLAKMLVDGKYSIHQQYEYLCLFAQLVAP
VLGPYPSPGRDVYRCTLGGNMTVELSQNFQRSGSTTRIAFEPVRYQASVGHDRFNRTSVNAFFSQLQLLVKSVNIELHHL
LSEHLTLTAKDERNLNEEQLTKYLTNFQVKTQYVVALDLRKTGIVAKEYFFPGIKCAATGQTGSNACFGAIRAVDKDGHL
DSLCQLIEAHFQQSKIDDAFLCCDLVDPAHTRFKVYIADPLVTLARAEEHWTLGGRLTDEDAAVGLEIIRGLWSELGIIQ
GPLEPSAMMEKGLLPIMLNYEMKAGQRLPKPKLYMPLTGIPETKIARIMTAFFQRHDMPEQAEVFMENLQAYYEGKNLEE
ATRYQAWLSFAYTKEKGPYLSIYYFWPE
;
_entity_poly.pdbx_strand_id   A,B
#
loop_
_chem_comp.id
_chem_comp.type
_chem_comp.name
_chem_comp.formula
0MV non-polymer (3S)-3-(1H-indol-3-ylmethyl)-3,4-dihydro-1H-1,4-benzodiazepine-2,5-dione 'C18 H15 N3 O2'
EDO non-polymer 1,2-ETHANEDIOL 'C2 H6 O2'
IMD non-polymer IMIDAZOLE 'C3 H5 N2 1'
NA non-polymer 'SODIUM ION' 'Na 1'
PIS non-polymer 'TRIHYDROGEN THIODIPHOSPHATE' 'H3 O6 P2 S -1'
#
# COMPACT_ATOMS: atom_id res chain seq x y z
N PRO A 21 -30.62 -32.45 17.58
CA PRO A 21 -31.09 -31.57 16.50
C PRO A 21 -29.99 -30.62 16.00
N ILE A 22 -30.17 -30.08 14.79
CA ILE A 22 -29.15 -29.24 14.11
C ILE A 22 -28.74 -27.97 14.90
N PRO A 23 -27.46 -27.90 15.35
CA PRO A 23 -27.00 -26.73 16.11
C PRO A 23 -26.94 -25.44 15.29
N LYS A 24 -27.09 -24.31 15.97
CA LYS A 24 -27.11 -23.03 15.30
C LYS A 24 -25.84 -22.78 14.48
N ASP A 25 -24.70 -23.25 14.97
CA ASP A 25 -23.42 -23.02 14.31
C ASP A 25 -23.01 -24.15 13.37
N ILE A 26 -23.97 -24.92 12.86
CA ILE A 26 -23.71 -25.98 11.88
C ILE A 26 -22.75 -25.55 10.76
N ALA A 27 -22.78 -24.29 10.32
CA ALA A 27 -21.92 -23.84 9.20
C ALA A 27 -20.44 -23.79 9.59
N TYR A 28 -20.18 -23.42 10.85
CA TYR A 28 -18.84 -23.51 11.44
C TYR A 28 -18.42 -24.98 11.55
N HIS A 29 -19.30 -25.83 12.09
CA HIS A 29 -18.96 -27.27 12.18
C HIS A 29 -18.66 -27.88 10.82
N THR A 30 -19.36 -27.42 9.78
CA THR A 30 -19.24 -27.97 8.44
C THR A 30 -17.94 -27.53 7.79
N LEU A 31 -17.68 -26.23 7.84
CA LEU A 31 -16.45 -25.69 7.29
C LEU A 31 -15.19 -26.24 8.01
N THR A 32 -15.31 -26.49 9.29
CA THR A 32 -14.24 -27.12 10.04
C THR A 32 -13.87 -28.47 9.43
N LYS A 33 -14.84 -29.21 8.89
CA LYS A 33 -14.55 -30.49 8.24
C LYS A 33 -13.85 -30.34 6.89
N ALA A 34 -13.65 -29.13 6.40
CA ALA A 34 -13.11 -28.93 5.04
C ALA A 34 -11.89 -28.02 4.92
N LEU A 35 -11.66 -27.12 5.88
CA LEU A 35 -10.58 -26.14 5.78
C LEU A 35 -9.29 -26.67 6.37
N LEU A 36 -8.16 -26.40 5.71
CA LEU A 36 -6.86 -26.77 6.25
C LEU A 36 -6.12 -25.51 6.61
N PHE A 37 -5.91 -25.25 7.90
CA PHE A 37 -5.15 -24.08 8.27
C PHE A 37 -3.67 -24.42 8.26
N PRO A 38 -2.85 -23.53 7.69
CA PRO A 38 -1.42 -23.79 7.57
C PRO A 38 -0.64 -23.61 8.86
N ASP A 39 -1.21 -22.95 9.87
CA ASP A 39 -0.54 -22.80 11.16
C ASP A 39 -1.51 -22.76 12.36
N ILE A 40 -0.98 -23.06 13.55
CA ILE A 40 -1.76 -23.24 14.78
C ILE A 40 -2.54 -22.00 15.21
N ASP A 41 -2.01 -20.85 14.90
CA ASP A 41 -2.59 -19.57 15.29
C ASP A 41 -3.82 -19.25 14.47
N GLN A 42 -3.77 -19.51 13.17
CA GLN A 42 -4.96 -19.37 12.32
C GLN A 42 -6.03 -20.33 12.82
N TYR A 43 -5.61 -21.58 13.07
CA TYR A 43 -6.48 -22.61 13.59
C TYR A 43 -7.19 -22.08 14.84
N GLN A 44 -6.41 -21.54 15.76
CA GLN A 44 -6.97 -21.12 17.05
C GLN A 44 -7.88 -19.92 16.85
N HIS A 45 -7.50 -18.96 16.01
CA HIS A 45 -8.42 -17.85 15.69
C HIS A 45 -9.74 -18.32 15.07
N TRP A 46 -9.67 -19.28 14.13
CA TRP A 46 -10.89 -19.90 13.58
C TRP A 46 -11.81 -20.45 14.68
N HIS A 47 -11.29 -21.34 15.53
CA HIS A 47 -12.13 -21.94 16.57
C HIS A 47 -12.59 -20.94 17.63
N HIS A 48 -11.89 -19.82 17.73
CA HIS A 48 -12.25 -18.77 18.70
C HIS A 48 -13.37 -17.81 18.22
N VAL A 49 -13.38 -17.51 16.91
CA VAL A 49 -14.25 -16.48 16.36
C VAL A 49 -15.45 -17.07 15.59
N ALA A 50 -15.22 -18.18 14.88
CA ALA A 50 -16.17 -18.63 13.87
C ALA A 50 -17.48 -19.14 14.43
N PRO A 51 -17.46 -19.81 15.60
CA PRO A 51 -18.72 -20.20 16.22
C PRO A 51 -19.71 -19.06 16.40
N MET A 52 -19.31 -17.99 17.08
CA MET A 52 -20.17 -16.84 17.33
C MET A 52 -20.47 -16.10 16.03
N LEU A 53 -19.48 -16.05 15.13
CA LEU A 53 -19.72 -15.44 13.84
C LEU A 53 -20.83 -16.21 13.10
N ALA A 54 -20.75 -17.54 13.14
CA ALA A 54 -21.75 -18.35 12.46
C ALA A 54 -23.14 -18.05 13.01
N LYS A 55 -23.22 -17.89 14.33
CA LYS A 55 -24.51 -17.68 14.97
C LYS A 55 -25.10 -16.33 14.62
N MET A 56 -24.27 -15.27 14.63
CA MET A 56 -24.76 -13.93 14.27
C MET A 56 -25.30 -13.87 12.86
N LEU A 57 -24.64 -14.56 11.94
CA LEU A 57 -25.10 -14.61 10.57
C LEU A 57 -26.44 -15.35 10.48
N VAL A 58 -26.67 -16.33 11.34
CA VAL A 58 -27.99 -16.97 11.33
C VAL A 58 -29.05 -16.02 11.86
N ASP A 59 -28.74 -15.32 12.94
CA ASP A 59 -29.65 -14.39 13.61
C ASP A 59 -30.06 -13.22 12.74
N GLY A 60 -29.12 -12.69 11.98
CA GLY A 60 -29.39 -11.61 11.06
C GLY A 60 -30.08 -11.98 9.76
N LYS A 61 -30.41 -13.26 9.57
CA LYS A 61 -31.25 -13.69 8.44
C LYS A 61 -30.48 -13.65 7.12
N TYR A 62 -29.20 -13.95 7.19
CA TYR A 62 -28.40 -14.09 6.01
C TYR A 62 -28.78 -15.40 5.36
N SER A 63 -28.83 -15.44 4.04
CA SER A 63 -29.04 -16.69 3.35
C SER A 63 -27.94 -17.67 3.75
N ILE A 64 -28.29 -18.95 3.65
CA ILE A 64 -27.38 -20.02 3.89
C ILE A 64 -26.11 -19.83 3.03
N HIS A 65 -26.29 -19.41 1.78
CA HIS A 65 -25.14 -19.20 0.90
C HIS A 65 -24.27 -18.07 1.41
N GLN A 66 -24.89 -16.95 1.71
CA GLN A 66 -24.14 -15.82 2.21
C GLN A 66 -23.46 -16.14 3.55
N GLN A 67 -24.01 -17.09 4.32
CA GLN A 67 -23.36 -17.54 5.60
C GLN A 67 -22.04 -18.23 5.36
N TYR A 68 -22.03 -19.19 4.45
CA TYR A 68 -20.81 -19.85 4.04
C TYR A 68 -19.83 -18.88 3.36
N GLU A 69 -20.33 -17.97 2.54
CA GLU A 69 -19.48 -17.00 1.87
C GLU A 69 -18.63 -16.26 2.91
N TYR A 70 -19.27 -15.69 3.92
CA TYR A 70 -18.59 -14.84 4.86
C TYR A 70 -17.76 -15.60 5.91
N LEU A 71 -18.20 -16.79 6.33
CA LEU A 71 -17.38 -17.61 7.22
C LEU A 71 -16.11 -18.03 6.49
N CYS A 72 -16.27 -18.45 5.25
CA CYS A 72 -15.14 -18.87 4.45
C CYS A 72 -14.19 -17.68 4.16
N LEU A 73 -14.76 -16.52 3.94
CA LEU A 73 -13.96 -15.33 3.72
C LEU A 73 -13.17 -14.99 4.96
N PHE A 74 -13.82 -15.15 6.12
CA PHE A 74 -13.14 -14.98 7.40
C PHE A 74 -11.91 -15.88 7.43
N ALA A 75 -12.11 -17.17 7.16
CA ALA A 75 -11.02 -18.16 7.21
C ALA A 75 -9.89 -17.76 6.25
N GLN A 76 -10.25 -17.41 5.03
CA GLN A 76 -9.27 -17.22 3.95
C GLN A 76 -8.53 -15.88 3.98
N LEU A 77 -9.22 -14.84 4.42
CA LEU A 77 -8.75 -13.48 4.29
C LEU A 77 -8.38 -12.85 5.62
N VAL A 78 -9.19 -13.06 6.64
CA VAL A 78 -9.00 -12.39 7.92
C VAL A 78 -8.05 -13.17 8.86
N ALA A 79 -8.30 -14.46 9.10
CA ALA A 79 -7.49 -15.27 10.03
C ALA A 79 -5.99 -15.14 9.76
N PRO A 80 -5.58 -15.08 8.51
CA PRO A 80 -4.13 -14.97 8.31
C PRO A 80 -3.51 -13.65 8.77
N VAL A 81 -4.31 -12.62 9.05
CA VAL A 81 -3.74 -11.34 9.48
C VAL A 81 -4.13 -10.99 10.91
N LEU A 82 -4.53 -11.98 11.69
CA LEU A 82 -4.86 -11.75 13.10
C LEU A 82 -3.67 -11.98 14.03
N GLY A 83 -2.54 -12.41 13.48
CA GLY A 83 -1.28 -12.52 14.22
C GLY A 83 -1.22 -13.74 15.11
N PRO A 84 -0.12 -13.88 15.86
CA PRO A 84 -0.01 -15.03 16.76
C PRO A 84 -1.14 -15.02 17.77
N TYR A 85 -1.59 -16.21 18.20
CA TYR A 85 -2.73 -16.30 19.08
C TYR A 85 -2.24 -15.88 20.46
N PRO A 86 -2.91 -14.90 21.07
CA PRO A 86 -2.41 -14.32 22.32
C PRO A 86 -2.80 -15.10 23.60
N SER A 87 -2.25 -16.30 23.74
CA SER A 87 -2.39 -17.07 24.99
C SER A 87 -1.78 -16.32 26.18
N PRO A 88 -2.40 -16.46 27.38
CA PRO A 88 -1.93 -15.77 28.59
C PRO A 88 -0.43 -15.88 28.81
N GLY A 89 0.22 -14.74 29.01
CA GLY A 89 1.65 -14.70 29.32
C GLY A 89 2.54 -14.81 28.10
N ARG A 90 1.94 -14.85 26.92
CA ARG A 90 2.68 -14.98 25.67
C ARG A 90 3.10 -13.59 25.20
N ASP A 91 4.38 -13.47 24.86
CA ASP A 91 5.00 -12.20 24.54
C ASP A 91 4.80 -11.85 23.07
N VAL A 92 3.63 -11.33 22.74
CA VAL A 92 3.33 -10.91 21.39
C VAL A 92 2.69 -9.53 21.35
N TYR A 93 2.65 -8.94 20.16
CA TYR A 93 2.10 -7.62 19.95
C TYR A 93 0.64 -7.68 20.35
N ARG A 94 0.24 -6.80 21.25
CA ARG A 94 -1.09 -6.90 21.83
C ARG A 94 -2.01 -5.85 21.27
N CYS A 95 -3.29 -6.19 21.20
CA CYS A 95 -4.33 -5.25 20.81
C CYS A 95 -5.50 -5.39 21.78
N THR A 96 -6.44 -4.46 21.74
CA THR A 96 -7.53 -4.44 22.73
C THR A 96 -8.93 -4.63 22.14
N LEU A 97 -9.00 -4.96 20.86
CA LEU A 97 -10.29 -5.24 20.24
C LEU A 97 -10.87 -6.48 20.91
N GLY A 98 -12.17 -6.43 21.18
CA GLY A 98 -12.85 -7.52 21.86
C GLY A 98 -12.36 -7.74 23.26
N GLY A 99 -11.71 -6.72 23.82
CA GLY A 99 -11.14 -6.80 25.16
C GLY A 99 -9.63 -7.01 25.13
N ASN A 100 -9.18 -8.07 24.47
CA ASN A 100 -7.74 -8.44 24.49
C ASN A 100 -7.20 -9.06 23.18
N MET A 101 -7.93 -8.94 22.09
CA MET A 101 -7.60 -9.63 20.86
C MET A 101 -7.27 -8.65 19.74
N THR A 102 -6.91 -9.19 18.59
CA THR A 102 -6.79 -8.38 17.38
C THR A 102 -8.05 -8.41 16.52
N VAL A 103 -9.17 -8.88 17.07
CA VAL A 103 -10.44 -9.00 16.32
C VAL A 103 -11.67 -8.85 17.23
N GLU A 104 -12.74 -8.27 16.71
CA GLU A 104 -13.94 -7.95 17.50
C GLU A 104 -15.17 -7.94 16.62
N LEU A 105 -16.18 -8.70 17.03
CA LEU A 105 -17.47 -8.75 16.36
C LEU A 105 -18.40 -7.67 16.90
N SER A 106 -19.32 -7.23 16.05
CA SER A 106 -20.39 -6.36 16.49
C SER A 106 -21.62 -6.58 15.62
N GLN A 107 -22.76 -6.10 16.09
CA GLN A 107 -24.03 -6.41 15.45
C GLN A 107 -24.92 -5.20 15.44
N ASN A 108 -25.43 -4.85 14.27
CA ASN A 108 -26.28 -3.68 14.15
C ASN A 108 -27.71 -4.14 14.14
N PHE A 109 -28.57 -3.42 14.88
CA PHE A 109 -30.00 -3.72 15.01
C PHE A 109 -30.79 -2.53 14.50
N GLN A 110 -31.74 -2.80 13.61
CA GLN A 110 -32.59 -1.77 12.99
C GLN A 110 -33.97 -2.34 12.73
N ARG A 111 -34.93 -1.49 12.38
CA ARG A 111 -36.24 -1.97 11.94
C ARG A 111 -36.07 -2.90 10.73
N SER A 112 -35.27 -2.46 9.77
CA SER A 112 -35.01 -3.22 8.55
C SER A 112 -34.27 -4.56 8.74
N GLY A 113 -33.70 -4.80 9.93
CA GLY A 113 -33.08 -6.09 10.25
C GLY A 113 -31.74 -5.97 10.96
N SER A 114 -31.00 -7.08 11.02
CA SER A 114 -29.71 -7.11 11.74
C SER A 114 -28.54 -7.41 10.79
N THR A 115 -27.39 -6.79 11.07
CA THR A 115 -26.19 -6.92 10.24
C THR A 115 -25.00 -7.21 11.13
N THR A 116 -24.10 -8.11 10.70
CA THR A 116 -22.90 -8.38 11.46
C THR A 116 -21.74 -7.58 10.90
N ARG A 117 -20.82 -7.18 11.77
CA ARG A 117 -19.57 -6.56 11.33
C ARG A 117 -18.40 -7.18 12.07
N ILE A 118 -17.24 -7.15 11.45
CA ILE A 118 -16.06 -7.70 12.08
C ILE A 118 -14.91 -6.72 11.96
N ALA A 119 -14.41 -6.26 13.11
CA ALA A 119 -13.31 -5.29 13.11
C ALA A 119 -12.06 -6.02 13.52
N PHE A 120 -10.92 -5.59 13.02
CA PHE A 120 -9.65 -6.21 13.38
C PHE A 120 -8.46 -5.33 13.03
N GLU A 121 -7.32 -5.61 13.67
CA GLU A 121 -6.06 -4.94 13.36
C GLU A 121 -5.24 -5.92 12.57
N PRO A 122 -5.08 -5.68 11.25
CA PRO A 122 -4.16 -6.53 10.50
C PRO A 122 -2.81 -6.54 11.17
N VAL A 123 -2.27 -7.73 11.40
CA VAL A 123 -0.97 -7.84 12.01
C VAL A 123 -0.33 -9.15 11.58
N ARG A 124 0.99 -9.14 11.48
CA ARG A 124 1.73 -10.36 11.21
C ARG A 124 2.73 -10.54 12.34
N TYR A 125 3.22 -11.77 12.49
CA TYR A 125 4.11 -12.12 13.59
C TYR A 125 5.32 -11.23 13.70
N GLN A 126 5.71 -10.62 12.59
CA GLN A 126 6.89 -9.75 12.55
C GLN A 126 6.79 -8.54 13.48
N ALA A 127 5.57 -8.12 13.80
CA ALA A 127 5.36 -7.05 14.76
C ALA A 127 5.71 -7.46 16.21
N SER A 128 5.72 -8.76 16.51
CA SER A 128 6.04 -9.28 17.84
C SER A 128 7.51 -9.55 18.02
N VAL A 129 8.29 -9.47 16.96
CA VAL A 129 9.60 -10.10 16.95
C VAL A 129 10.73 -9.14 16.55
N GLY A 130 10.40 -7.85 16.55
CA GLY A 130 11.38 -6.77 16.36
C GLY A 130 11.46 -6.25 14.93
N HIS A 131 10.58 -6.74 14.06
CA HIS A 131 10.72 -6.52 12.62
C HIS A 131 9.64 -5.63 11.98
N ASP A 132 8.84 -4.97 12.81
CA ASP A 132 7.91 -3.90 12.37
C ASP A 132 7.83 -2.85 13.48
N ARG A 133 7.18 -3.18 14.60
CA ARG A 133 7.25 -2.37 15.84
C ARG A 133 6.03 -1.48 16.00
N PHE A 134 5.74 -0.68 14.98
CA PHE A 134 4.48 0.07 14.94
C PHE A 134 3.47 -0.54 13.93
N ASN A 135 3.79 -1.73 13.40
CA ASN A 135 2.86 -2.52 12.59
C ASN A 135 2.27 -1.72 11.42
N ARG A 136 3.14 -1.31 10.51
CA ARG A 136 2.76 -0.43 9.39
C ARG A 136 2.57 -1.13 8.06
N THR A 137 3.10 -2.34 7.92
CA THR A 137 3.07 -3.09 6.67
C THR A 137 1.89 -4.05 6.54
N SER A 138 1.47 -4.65 7.64
CA SER A 138 0.44 -5.69 7.54
C SER A 138 -0.86 -5.25 6.90
N VAL A 139 -1.28 -4.00 7.12
CA VAL A 139 -2.53 -3.53 6.51
C VAL A 139 -2.39 -3.51 4.99
N ASN A 140 -1.20 -3.13 4.50
CA ASN A 140 -0.94 -3.16 3.07
C ASN A 140 -1.01 -4.58 2.52
N ALA A 141 -0.50 -5.54 3.29
CA ALA A 141 -0.56 -6.95 2.85
C ALA A 141 -2.02 -7.38 2.77
N PHE A 142 -2.80 -6.98 3.78
CA PHE A 142 -4.21 -7.34 3.86
C PHE A 142 -5.04 -6.75 2.74
N PHE A 143 -4.91 -5.44 2.49
CA PHE A 143 -5.67 -4.85 1.39
C PHE A 143 -5.34 -5.51 0.02
N SER A 144 -4.10 -6.00 -0.15
CA SER A 144 -3.72 -6.64 -1.40
C SER A 144 -4.40 -7.99 -1.62
N GLN A 145 -4.89 -8.60 -0.55
CA GLN A 145 -5.68 -9.82 -0.68
C GLN A 145 -7.18 -9.48 -0.77
N LEU A 146 -7.65 -8.63 0.14
CA LEU A 146 -9.04 -8.16 0.15
C LEU A 146 -9.50 -7.71 -1.25
N GLN A 147 -8.72 -6.85 -1.89
CA GLN A 147 -9.08 -6.31 -3.21
C GLN A 147 -9.13 -7.36 -4.31
N LEU A 148 -8.52 -8.52 -4.12
CA LEU A 148 -8.72 -9.63 -5.05
C LEU A 148 -10.14 -10.21 -4.92
N LEU A 149 -10.68 -10.28 -3.69
CA LEU A 149 -11.98 -10.91 -3.46
C LEU A 149 -13.19 -9.97 -3.58
N VAL A 150 -13.04 -8.70 -3.26
CA VAL A 150 -14.17 -7.79 -3.23
C VAL A 150 -13.78 -6.61 -4.09
N LYS A 151 -14.30 -6.56 -5.31
CA LYS A 151 -13.82 -5.61 -6.32
C LYS A 151 -14.19 -4.17 -5.99
N SER A 152 -15.23 -3.98 -5.18
CA SER A 152 -15.73 -2.63 -4.89
C SER A 152 -14.85 -1.88 -3.88
N VAL A 153 -13.93 -2.58 -3.22
CA VAL A 153 -13.07 -1.95 -2.24
C VAL A 153 -11.98 -1.12 -2.93
N ASN A 154 -11.94 0.16 -2.59
CA ASN A 154 -11.06 1.14 -3.18
C ASN A 154 -10.16 1.71 -2.06
N ILE A 155 -8.87 1.46 -2.14
CA ILE A 155 -7.97 1.90 -1.08
C ILE A 155 -7.29 3.23 -1.34
N GLU A 156 -7.82 4.04 -2.25
CA GLU A 156 -7.23 5.35 -2.51
C GLU A 156 -7.09 6.23 -1.26
N LEU A 157 -8.04 6.13 -0.34
CA LEU A 157 -8.01 6.93 0.89
C LEU A 157 -6.91 6.46 1.86
N HIS A 158 -6.63 5.16 1.87
CA HIS A 158 -5.51 4.67 2.62
C HIS A 158 -4.21 5.32 2.18
N HIS A 159 -3.99 5.40 0.87
CA HIS A 159 -2.77 6.03 0.35
C HIS A 159 -2.73 7.53 0.66
N LEU A 160 -3.88 8.18 0.67
CA LEU A 160 -3.95 9.61 0.93
C LEU A 160 -3.86 9.97 2.40
N LEU A 161 -4.45 9.16 3.26
CA LEU A 161 -4.62 9.56 4.65
C LEU A 161 -3.46 9.10 5.57
N SER A 162 -2.80 8.00 5.23
CA SER A 162 -1.69 7.46 6.03
C SER A 162 -0.70 8.52 6.49
N GLU A 163 -0.22 9.31 5.56
CA GLU A 163 0.76 10.34 5.86
C GLU A 163 0.27 11.29 6.98
N HIS A 164 -1.00 11.67 6.93
CA HIS A 164 -1.52 12.67 7.86
C HIS A 164 -1.80 12.10 9.24
N LEU A 165 -2.14 10.82 9.31
CA LEU A 165 -2.69 10.23 10.52
C LEU A 165 -1.87 9.08 11.12
N THR A 166 -0.74 8.71 10.51
CA THR A 166 0.10 7.65 11.06
C THR A 166 1.57 8.05 11.01
N LEU A 167 2.33 7.39 11.89
CA LEU A 167 3.73 7.73 12.14
C LEU A 167 4.62 7.47 10.91
N THR A 168 5.19 8.52 10.33
CA THR A 168 6.13 8.36 9.21
C THR A 168 7.52 8.00 9.74
N ALA A 169 8.47 7.76 8.84
CA ALA A 169 9.84 7.44 9.26
C ALA A 169 10.50 8.65 9.92
N LYS A 170 10.17 9.85 9.43
CA LYS A 170 10.69 11.11 9.99
C LYS A 170 10.13 11.36 11.39
N ASP A 171 8.87 10.99 11.60
CA ASP A 171 8.24 11.12 12.91
C ASP A 171 8.89 10.17 13.91
N GLU A 172 9.28 8.99 13.44
CA GLU A 172 9.84 7.95 14.29
C GLU A 172 11.22 8.31 14.81
N ARG A 173 12.01 9.03 14.00
CA ARG A 173 13.34 9.49 14.42
C ARG A 173 13.30 10.62 15.46
N ASN A 174 12.22 11.40 15.44
CA ASN A 174 12.00 12.49 16.39
C ASN A 174 11.22 12.07 17.64
N LEU A 175 10.88 10.79 17.72
CA LEU A 175 10.23 10.23 18.91
C LEU A 175 11.28 9.92 19.98
N ASN A 176 10.89 10.00 21.25
CA ASN A 176 11.72 9.48 22.36
C ASN A 176 10.85 8.63 23.30
N GLU A 177 11.49 7.67 23.97
CA GLU A 177 10.77 6.60 24.67
C GLU A 177 9.99 7.06 25.90
N GLU A 178 10.37 8.21 26.47
CA GLU A 178 9.62 8.80 27.58
C GLU A 178 8.24 9.33 27.15
N GLN A 179 8.08 9.66 25.87
CA GLN A 179 6.78 10.09 25.32
C GLN A 179 5.93 8.90 24.84
N LEU A 180 6.60 7.82 24.40
CA LEU A 180 5.90 6.58 24.02
C LEU A 180 5.39 5.83 25.26
N THR A 181 6.24 5.72 26.29
CA THR A 181 5.82 5.23 27.60
C THR A 181 4.54 5.94 28.06
N LYS A 182 4.55 7.28 28.03
CA LYS A 182 3.43 8.12 28.50
C LYS A 182 2.14 7.94 27.69
N TYR A 183 2.25 7.64 26.40
CA TYR A 183 1.07 7.34 25.58
C TYR A 183 0.56 5.91 25.83
N LEU A 184 1.49 4.97 25.98
CA LEU A 184 1.14 3.56 26.23
C LEU A 184 0.43 3.35 27.59
N THR A 185 0.94 3.95 28.68
CA THR A 185 0.27 3.82 29.98
C THR A 185 -1.15 4.42 29.96
N ASN A 186 -1.36 5.46 29.14
CA ASN A 186 -2.68 6.08 28.97
C ASN A 186 -3.59 5.31 28.01
N PHE A 187 -3.02 4.79 26.91
CA PHE A 187 -3.84 4.17 25.84
C PHE A 187 -3.46 2.72 25.44
N GLN A 188 -2.28 2.24 25.87
CA GLN A 188 -1.91 0.81 25.83
C GLN A 188 -1.34 0.25 24.49
N VAL A 189 -2.04 0.47 23.38
CA VAL A 189 -1.67 -0.16 22.11
C VAL A 189 -0.84 0.75 21.20
N LYS A 190 0.08 0.13 20.46
CA LYS A 190 0.84 0.82 19.41
C LYS A 190 0.06 0.94 18.09
N THR A 191 -1.20 0.53 18.08
CA THR A 191 -1.99 0.42 16.87
C THR A 191 -2.15 1.72 16.07
N GLN A 192 -1.82 1.67 14.78
CA GLN A 192 -2.06 2.77 13.84
C GLN A 192 -3.35 2.58 13.03
N TYR A 193 -3.65 1.34 12.62
CA TYR A 193 -4.75 1.06 11.69
C TYR A 193 -5.66 -0.01 12.21
N VAL A 194 -6.97 0.19 12.13
CA VAL A 194 -7.92 -0.91 12.26
C VAL A 194 -8.75 -0.96 10.99
N VAL A 195 -9.16 -2.15 10.59
CA VAL A 195 -10.10 -2.33 9.50
C VAL A 195 -11.37 -3.01 9.97
N ALA A 196 -12.51 -2.65 9.40
CA ALA A 196 -13.77 -3.33 9.70
C ALA A 196 -14.48 -3.68 8.40
N LEU A 197 -15.06 -4.87 8.35
CA LEU A 197 -15.88 -5.29 7.22
C LEU A 197 -17.34 -5.29 7.65
N ASP A 198 -18.14 -4.37 7.09
CA ASP A 198 -19.60 -4.44 7.22
C ASP A 198 -20.07 -5.56 6.31
N LEU A 199 -20.62 -6.64 6.87
CA LEU A 199 -21.07 -7.76 6.08
C LEU A 199 -22.53 -7.54 5.73
N ARG A 200 -22.75 -6.70 4.72
CA ARG A 200 -24.11 -6.38 4.27
C ARG A 200 -24.60 -7.45 3.30
N LYS A 201 -25.91 -7.66 3.25
CA LYS A 201 -26.46 -8.61 2.30
C LYS A 201 -26.11 -8.26 0.85
N THR A 202 -25.88 -6.99 0.57
CA THR A 202 -25.57 -6.50 -0.79
C THR A 202 -24.08 -6.42 -1.10
N GLY A 203 -23.25 -6.97 -0.21
CA GLY A 203 -21.83 -7.03 -0.44
C GLY A 203 -21.04 -6.28 0.62
N ILE A 204 -19.83 -6.75 0.88
CA ILE A 204 -18.99 -6.12 1.88
C ILE A 204 -18.76 -4.64 1.57
N VAL A 205 -18.67 -3.84 2.63
CA VAL A 205 -18.13 -2.49 2.57
C VAL A 205 -17.09 -2.42 3.68
N ALA A 206 -15.86 -2.10 3.31
CA ALA A 206 -14.72 -2.07 4.23
C ALA A 206 -14.55 -0.68 4.74
N LYS A 207 -14.14 -0.55 5.99
CA LYS A 207 -13.94 0.75 6.63
C LYS A 207 -12.54 0.73 7.26
N GLU A 208 -11.83 1.86 7.22
CA GLU A 208 -10.51 1.95 7.83
C GLU A 208 -10.50 3.02 8.90
N TYR A 209 -9.88 2.69 10.04
CA TYR A 209 -9.69 3.62 11.15
C TYR A 209 -8.22 3.98 11.29
N PHE A 210 -7.95 5.26 11.53
CA PHE A 210 -6.60 5.77 11.67
C PHE A 210 -6.42 6.38 13.05
N PHE A 211 -5.30 6.04 13.70
CA PHE A 211 -5.04 6.43 15.08
C PHE A 211 -3.78 7.27 15.16
N PRO A 212 -3.95 8.60 15.23
CA PRO A 212 -2.82 9.51 15.19
C PRO A 212 -2.11 9.76 16.52
N GLY A 213 -2.53 9.07 17.58
CA GLY A 213 -1.98 9.33 18.90
C GLY A 213 -0.47 9.32 18.94
N ILE A 214 0.14 8.27 18.38
CA ILE A 214 1.59 8.14 18.46
C ILE A 214 2.30 9.17 17.57
N LYS A 215 1.77 9.38 16.36
CA LYS A 215 2.25 10.47 15.49
C LYS A 215 2.25 11.79 16.26
N CYS A 216 1.12 12.08 16.90
CA CYS A 216 0.96 13.31 17.65
C CYS A 216 1.93 13.40 18.83
N ALA A 217 2.20 12.29 19.49
CA ALA A 217 3.23 12.25 20.53
C ALA A 217 4.62 12.69 20.02
N ALA A 218 4.90 12.37 18.75
CA ALA A 218 6.19 12.69 18.12
C ALA A 218 6.26 14.09 17.50
N THR A 219 5.13 14.59 16.98
CA THR A 219 5.12 15.87 16.25
C THR A 219 4.78 17.09 17.10
N GLY A 220 4.00 16.87 18.16
CA GLY A 220 3.50 17.97 19.00
C GLY A 220 2.17 18.53 18.57
N GLN A 221 1.57 17.94 17.54
CA GLN A 221 0.27 18.35 17.02
C GLN A 221 -0.82 17.60 17.81
N THR A 222 -2.06 18.09 17.75
CA THR A 222 -3.17 17.40 18.39
C THR A 222 -3.85 16.44 17.42
N GLY A 223 -4.47 15.40 17.96
CA GLY A 223 -5.18 14.41 17.17
C GLY A 223 -6.30 14.98 16.31
N SER A 224 -7.06 15.91 16.87
CA SER A 224 -8.14 16.52 16.11
C SER A 224 -7.56 17.35 14.96
N ASN A 225 -6.61 18.23 15.25
CA ASN A 225 -5.95 18.98 14.18
C ASN A 225 -5.53 18.04 13.06
N ALA A 226 -4.87 16.95 13.42
CA ALA A 226 -4.43 15.99 12.42
C ALA A 226 -5.61 15.45 11.62
N CYS A 227 -6.67 15.03 12.31
CA CYS A 227 -7.84 14.48 11.63
C CYS A 227 -8.51 15.50 10.68
N PHE A 228 -8.66 16.74 11.14
CA PHE A 228 -9.27 17.77 10.30
C PHE A 228 -8.34 18.23 9.19
N GLY A 229 -7.04 18.18 9.45
CA GLY A 229 -6.03 18.41 8.42
C GLY A 229 -6.12 17.35 7.34
N ALA A 230 -6.30 16.11 7.75
CA ALA A 230 -6.42 14.97 6.83
C ALA A 230 -7.62 15.13 5.91
N ILE A 231 -8.79 15.42 6.49
CA ILE A 231 -10.02 15.63 5.75
C ILE A 231 -9.88 16.74 4.70
N ARG A 232 -9.31 17.87 5.11
CA ARG A 232 -9.15 19.03 4.23
C ARG A 232 -8.17 18.79 3.08
N ALA A 233 -7.16 17.94 3.28
CA ALA A 233 -6.29 17.57 2.18
C ALA A 233 -7.05 16.74 1.13
N VAL A 234 -7.97 15.89 1.59
CA VAL A 234 -8.77 15.05 0.70
C VAL A 234 -9.97 15.78 0.09
N ASP A 235 -10.43 16.83 0.77
CA ASP A 235 -11.61 17.58 0.36
C ASP A 235 -11.13 18.88 -0.31
N LYS A 236 -10.52 18.73 -1.47
CA LYS A 236 -9.89 19.84 -2.19
C LYS A 236 -10.84 21.04 -2.41
N ASP A 237 -12.12 20.76 -2.60
CA ASP A 237 -13.12 21.80 -2.91
C ASP A 237 -13.67 22.51 -1.67
N GLY A 238 -14.05 21.74 -0.65
CA GLY A 238 -14.55 22.32 0.60
C GLY A 238 -16.01 22.06 0.89
N HIS A 239 -16.54 20.91 0.42
CA HIS A 239 -17.94 20.58 0.65
C HIS A 239 -18.16 20.18 2.11
N LEU A 240 -17.09 19.70 2.75
CA LEU A 240 -17.13 19.28 4.16
C LEU A 240 -16.62 20.37 5.10
N ASP A 241 -16.30 21.55 4.57
CA ASP A 241 -15.63 22.60 5.35
C ASP A 241 -16.46 23.15 6.51
N SER A 242 -17.72 23.51 6.26
CA SER A 242 -18.54 24.08 7.33
C SER A 242 -18.91 23.06 8.40
N LEU A 243 -19.03 21.79 7.98
CA LEU A 243 -19.30 20.70 8.91
C LEU A 243 -18.11 20.57 9.85
N CYS A 244 -16.91 20.56 9.28
CA CYS A 244 -15.66 20.58 10.04
C CYS A 244 -15.55 21.75 11.02
N GLN A 245 -15.80 22.97 10.52
CA GLN A 245 -15.78 24.18 11.35
C GLN A 245 -16.62 24.02 12.61
N LEU A 246 -17.76 23.35 12.47
CA LEU A 246 -18.75 23.23 13.54
C LEU A 246 -18.22 22.32 14.64
N ILE A 247 -17.69 21.17 14.24
CA ILE A 247 -17.15 20.20 15.19
C ILE A 247 -15.90 20.78 15.84
N GLU A 248 -15.05 21.42 15.03
CA GLU A 248 -13.80 22.03 15.52
C GLU A 248 -14.01 23.07 16.61
N ALA A 249 -15.10 23.83 16.50
CA ALA A 249 -15.42 24.85 17.50
C ALA A 249 -15.90 24.20 18.79
N HIS A 250 -16.61 23.07 18.70
CA HIS A 250 -17.02 22.35 19.89
C HIS A 250 -15.84 21.71 20.60
N PHE A 251 -14.94 21.08 19.85
CA PHE A 251 -13.73 20.50 20.43
C PHE A 251 -12.89 21.57 21.14
N GLN A 252 -12.84 22.78 20.56
CA GLN A 252 -12.08 23.89 21.15
C GLN A 252 -12.75 24.43 22.43
N GLN A 253 -14.08 24.53 22.43
CA GLN A 253 -14.81 25.00 23.62
C GLN A 253 -14.81 23.96 24.75
N SER A 254 -14.96 22.69 24.39
CA SER A 254 -14.90 21.59 25.36
C SER A 254 -13.46 21.15 25.68
N LYS A 255 -12.46 21.85 25.16
CA LYS A 255 -11.04 21.56 25.44
C LYS A 255 -10.67 20.09 25.17
N ILE A 256 -10.98 19.63 23.95
CA ILE A 256 -10.71 18.25 23.53
C ILE A 256 -9.66 18.22 22.41
N ASP A 257 -8.56 17.51 22.65
CA ASP A 257 -7.42 17.48 21.73
C ASP A 257 -7.23 16.12 21.04
N ASP A 258 -7.67 15.05 21.68
CA ASP A 258 -7.52 13.70 21.12
C ASP A 258 -8.71 13.37 20.22
N ALA A 259 -8.42 12.72 19.09
CA ALA A 259 -9.45 12.31 18.15
C ALA A 259 -8.93 11.22 17.22
N PHE A 260 -9.83 10.48 16.59
CA PHE A 260 -9.42 9.64 15.47
C PHE A 260 -10.43 9.55 14.33
N LEU A 261 -9.98 9.04 13.19
CA LEU A 261 -10.76 9.15 11.96
C LEU A 261 -11.13 7.79 11.38
N CYS A 262 -12.34 7.72 10.84
CA CYS A 262 -12.75 6.56 10.07
C CYS A 262 -13.23 7.01 8.72
N CYS A 263 -13.11 6.15 7.71
CA CYS A 263 -13.65 6.43 6.40
C CYS A 263 -14.04 5.16 5.68
N ASP A 264 -14.98 5.26 4.74
CA ASP A 264 -15.31 4.12 3.89
C ASP A 264 -14.27 3.98 2.78
N LEU A 265 -13.83 2.76 2.54
CA LEU A 265 -12.88 2.48 1.47
C LEU A 265 -13.64 2.32 0.15
N VAL A 266 -14.18 3.44 -0.31
CA VAL A 266 -14.88 3.52 -1.60
C VAL A 266 -14.29 4.74 -2.34
N ASP A 267 -14.84 5.11 -3.50
CA ASP A 267 -14.33 6.29 -4.21
C ASP A 267 -14.39 7.53 -3.30
N PRO A 268 -13.26 8.27 -3.19
CA PRO A 268 -13.14 9.41 -2.28
C PRO A 268 -14.31 10.40 -2.29
N ALA A 269 -14.89 10.65 -3.46
CA ALA A 269 -16.04 11.57 -3.58
C ALA A 269 -17.29 11.03 -2.84
N HIS A 270 -17.42 9.70 -2.76
CA HIS A 270 -18.59 9.06 -2.17
C HIS A 270 -18.36 8.46 -0.77
N THR A 271 -17.21 8.74 -0.15
CA THR A 271 -16.94 8.15 1.15
C THR A 271 -17.65 8.95 2.22
N ARG A 272 -17.78 8.38 3.41
CA ARG A 272 -18.23 9.15 4.54
C ARG A 272 -17.05 9.20 5.53
N PHE A 273 -16.86 10.36 6.16
CA PHE A 273 -15.82 10.51 7.19
C PHE A 273 -16.49 10.53 8.53
N LYS A 274 -15.80 10.03 9.54
CA LYS A 274 -16.30 10.00 10.90
C LYS A 274 -15.14 10.31 11.83
N VAL A 275 -15.32 11.34 12.65
CA VAL A 275 -14.31 11.79 13.61
C VAL A 275 -14.72 11.36 15.01
N TYR A 276 -13.88 10.52 15.62
CA TYR A 276 -14.18 9.95 16.94
C TYR A 276 -13.48 10.73 18.04
N ILE A 277 -14.15 10.85 19.18
CA ILE A 277 -13.54 11.33 20.42
C ILE A 277 -13.87 10.41 21.60
N ALA A 278 -13.07 10.55 22.66
CA ALA A 278 -13.25 9.78 23.88
C ALA A 278 -13.21 10.76 25.03
N ASP A 279 -14.23 10.72 25.88
CA ASP A 279 -14.26 11.56 27.06
C ASP A 279 -14.35 10.63 28.28
N PRO A 280 -13.37 10.76 29.21
CA PRO A 280 -13.38 9.88 30.38
C PRO A 280 -14.48 10.17 31.41
N LEU A 281 -15.20 11.29 31.30
CA LEU A 281 -16.24 11.66 32.28
C LEU A 281 -17.56 11.02 31.83
N VAL A 282 -17.91 9.89 32.44
CA VAL A 282 -19.07 9.10 32.02
C VAL A 282 -20.29 9.52 32.82
N THR A 283 -20.77 10.73 32.51
CA THR A 283 -22.03 11.26 33.03
C THR A 283 -22.96 11.47 31.84
N LEU A 284 -24.27 11.40 32.07
CA LEU A 284 -25.25 11.72 31.05
C LEU A 284 -25.04 13.15 30.51
N ALA A 285 -24.82 14.10 31.43
CA ALA A 285 -24.57 15.52 31.08
C ALA A 285 -23.43 15.67 30.04
N ARG A 286 -22.30 15.02 30.27
CA ARG A 286 -21.17 15.15 29.36
C ARG A 286 -21.52 14.54 28.00
N ALA A 287 -22.28 13.44 28.03
CA ALA A 287 -22.79 12.84 26.81
C ALA A 287 -23.76 13.79 26.09
N GLU A 288 -24.68 14.41 26.83
CA GLU A 288 -25.64 15.37 26.27
C GLU A 288 -24.90 16.44 25.48
N GLU A 289 -23.91 17.04 26.14
CA GLU A 289 -23.14 18.12 25.55
C GLU A 289 -22.52 17.70 24.22
N HIS A 290 -21.75 16.63 24.22
CA HIS A 290 -21.11 16.14 23.01
C HIS A 290 -22.14 15.82 21.92
N TRP A 291 -23.25 15.21 22.32
CA TRP A 291 -24.28 14.79 21.39
C TRP A 291 -24.82 15.97 20.56
N THR A 292 -25.05 17.10 21.23
CA THR A 292 -25.57 18.32 20.57
C THR A 292 -24.46 19.29 20.11
N LEU A 293 -23.20 18.85 20.12
CA LEU A 293 -22.03 19.71 19.85
C LEU A 293 -22.08 21.04 20.62
N GLY A 294 -22.53 20.97 21.87
CA GLY A 294 -22.65 22.14 22.74
C GLY A 294 -23.81 23.05 22.36
N GLY A 295 -24.82 22.48 21.72
CA GLY A 295 -26.01 23.24 21.29
C GLY A 295 -25.96 23.74 19.86
N ARG A 296 -24.99 23.27 19.09
CA ARG A 296 -24.84 23.65 17.68
C ARG A 296 -25.69 22.78 16.74
N LEU A 297 -26.08 21.60 17.19
CA LEU A 297 -26.95 20.71 16.41
C LEU A 297 -28.41 20.93 16.82
N THR A 298 -29.21 21.49 15.91
CA THR A 298 -30.60 21.84 16.23
C THR A 298 -31.67 21.01 15.50
N ASP A 299 -31.27 20.10 14.62
CA ASP A 299 -32.26 19.30 13.87
C ASP A 299 -33.18 18.49 14.77
N GLU A 300 -34.35 18.13 14.23
CA GLU A 300 -35.39 17.43 15.00
C GLU A 300 -34.92 16.04 15.41
N ASP A 301 -34.27 15.34 14.49
CA ASP A 301 -33.69 14.02 14.74
C ASP A 301 -32.75 14.00 15.96
N ALA A 302 -31.92 15.04 16.06
CA ALA A 302 -30.97 15.17 17.15
C ALA A 302 -31.62 15.45 18.51
N ALA A 303 -32.83 16.01 18.50
CA ALA A 303 -33.56 16.29 19.74
C ALA A 303 -34.39 15.09 20.16
N VAL A 304 -34.86 14.31 19.18
CA VAL A 304 -35.64 13.09 19.45
C VAL A 304 -34.72 12.01 20.00
N GLY A 305 -33.53 11.91 19.40
CA GLY A 305 -32.52 10.97 19.85
C GLY A 305 -32.00 11.27 21.25
N LEU A 306 -31.84 12.56 21.58
CA LEU A 306 -31.36 12.95 22.90
C LEU A 306 -32.31 12.45 23.97
N GLU A 307 -33.61 12.57 23.73
CA GLU A 307 -34.60 12.13 24.70
C GLU A 307 -34.65 10.61 24.86
N ILE A 308 -34.27 9.89 23.80
CA ILE A 308 -34.17 8.44 23.86
C ILE A 308 -32.92 8.05 24.66
N ILE A 309 -31.78 8.64 24.31
CA ILE A 309 -30.54 8.49 25.07
C ILE A 309 -30.74 8.70 26.57
N ARG A 310 -31.50 9.72 26.95
CA ARG A 310 -31.79 9.98 28.37
C ARG A 310 -32.47 8.77 29.00
N GLY A 311 -33.43 8.17 28.30
CA GLY A 311 -34.14 7.01 28.79
C GLY A 311 -33.23 5.80 28.94
N LEU A 312 -32.40 5.57 27.94
CA LEU A 312 -31.50 4.42 27.92
C LEU A 312 -30.39 4.54 28.96
N TRP A 313 -29.76 5.71 29.04
CA TRP A 313 -28.74 5.96 30.03
C TRP A 313 -29.24 5.60 31.44
N SER A 314 -30.42 6.13 31.79
CA SER A 314 -31.02 5.93 33.10
C SER A 314 -31.30 4.45 33.37
N GLU A 315 -31.96 3.79 32.43
CA GLU A 315 -32.35 2.38 32.57
C GLU A 315 -31.15 1.44 32.68
N LEU A 316 -30.14 1.68 31.86
CA LEU A 316 -28.93 0.88 31.88
C LEU A 316 -28.06 1.20 33.09
N GLY A 317 -28.26 2.38 33.68
CA GLY A 317 -27.47 2.82 34.84
C GLY A 317 -25.98 2.79 34.52
N ILE A 318 -25.62 3.37 33.38
CA ILE A 318 -24.23 3.41 32.91
C ILE A 318 -23.31 3.96 33.98
N ILE A 319 -22.21 3.24 34.24
CA ILE A 319 -21.40 3.44 35.42
C ILE A 319 -20.35 4.52 35.25
N GLN A 320 -20.35 5.49 36.16
CA GLN A 320 -19.32 6.54 36.19
C GLN A 320 -18.03 6.00 36.83
N GLY A 321 -16.96 5.96 36.04
CA GLY A 321 -15.67 5.54 36.56
C GLY A 321 -14.96 6.71 37.23
N PRO A 322 -13.61 6.72 37.17
CA PRO A 322 -12.80 7.91 37.41
C PRO A 322 -12.11 8.44 36.13
N LEU A 323 -11.59 9.67 36.20
CA LEU A 323 -10.92 10.33 35.06
C LEU A 323 -9.51 9.80 34.82
N GLU A 324 -8.84 9.40 35.92
CA GLU A 324 -7.51 8.79 35.87
C GLU A 324 -7.56 7.49 35.04
N PRO A 325 -6.88 7.45 33.89
CA PRO A 325 -6.94 6.23 33.04
C PRO A 325 -6.16 5.03 33.61
N SER A 326 -5.41 5.25 34.69
CA SER A 326 -4.80 4.15 35.44
C SER A 326 -5.88 3.34 36.18
N ALA A 327 -6.58 3.99 37.12
CA ALA A 327 -7.62 3.34 37.94
C ALA A 327 -8.94 3.07 37.19
N MET A 328 -9.10 3.66 36.00
CA MET A 328 -10.24 3.34 35.12
C MET A 328 -10.02 1.99 34.43
N MET A 329 -8.78 1.72 34.03
CA MET A 329 -8.42 0.43 33.41
C MET A 329 -8.38 -0.70 34.44
N GLU A 330 -8.06 -0.36 35.69
CA GLU A 330 -8.04 -1.35 36.76
C GLU A 330 -9.42 -2.00 36.93
N LYS A 331 -10.44 -1.18 37.21
CA LYS A 331 -11.82 -1.67 37.42
C LYS A 331 -12.50 -2.16 36.12
N GLY A 332 -11.82 -2.05 34.98
CA GLY A 332 -12.35 -2.56 33.71
C GLY A 332 -13.44 -1.67 33.11
N LEU A 333 -13.35 -0.37 33.38
CA LEU A 333 -14.36 0.58 32.90
C LEU A 333 -13.88 1.33 31.66
N LEU A 334 -14.83 1.78 30.86
CA LEU A 334 -14.56 2.37 29.57
C LEU A 334 -15.07 3.81 29.52
N PRO A 335 -14.47 4.65 28.66
CA PRO A 335 -14.97 6.03 28.55
C PRO A 335 -16.22 6.06 27.67
N ILE A 336 -16.87 7.22 27.58
CA ILE A 336 -17.84 7.40 26.50
C ILE A 336 -17.08 7.78 25.24
N MET A 337 -17.67 7.47 24.10
CA MET A 337 -17.17 7.91 22.80
C MET A 337 -18.30 8.39 21.91
N LEU A 338 -17.95 9.28 20.99
CA LEU A 338 -18.83 9.66 19.91
C LEU A 338 -18.07 9.77 18.62
N ASN A 339 -18.76 9.52 17.51
CA ASN A 339 -18.28 9.96 16.21
C ASN A 339 -19.29 10.93 15.59
N TYR A 340 -18.77 11.88 14.82
CA TYR A 340 -19.58 12.79 14.05
C TYR A 340 -19.34 12.46 12.59
N GLU A 341 -20.41 12.07 11.90
CA GLU A 341 -20.34 11.59 10.52
C GLU A 341 -20.57 12.72 9.53
N MET A 342 -19.75 12.75 8.46
CA MET A 342 -19.80 13.78 7.43
C MET A 342 -19.79 13.15 6.03
N LYS A 343 -20.61 13.66 5.13
CA LYS A 343 -20.59 13.24 3.72
C LYS A 343 -20.77 14.45 2.80
N ALA A 344 -20.40 14.31 1.53
CA ALA A 344 -20.34 15.43 0.56
C ALA A 344 -21.52 16.40 0.61
N GLY A 345 -22.73 15.90 0.39
CA GLY A 345 -23.92 16.77 0.28
C GLY A 345 -24.72 16.91 1.55
N GLN A 346 -24.14 16.51 2.67
CA GLN A 346 -24.83 16.50 3.96
C GLN A 346 -24.93 17.93 4.51
N ARG A 347 -26.06 18.24 5.12
CA ARG A 347 -26.33 19.61 5.60
C ARG A 347 -25.77 19.82 7.02
N LEU A 348 -26.00 18.86 7.92
CA LEU A 348 -25.44 18.89 9.30
C LEU A 348 -24.59 17.65 9.57
N PRO A 349 -23.65 17.74 10.51
CA PRO A 349 -22.95 16.54 10.98
C PRO A 349 -23.84 15.63 11.84
N LYS A 350 -23.74 14.32 11.62
CA LYS A 350 -24.62 13.33 12.27
C LYS A 350 -23.92 12.61 13.45
N PRO A 351 -24.43 12.80 14.68
CA PRO A 351 -23.79 12.26 15.87
C PRO A 351 -24.16 10.80 16.15
N LYS A 352 -23.24 10.06 16.77
CA LYS A 352 -23.46 8.70 17.22
C LYS A 352 -22.84 8.47 18.62
N LEU A 353 -23.66 8.06 19.59
CA LEU A 353 -23.19 7.85 20.97
C LEU A 353 -22.78 6.41 21.24
N TYR A 354 -21.59 6.23 21.81
CA TYR A 354 -21.11 4.92 22.24
C TYR A 354 -21.14 4.83 23.76
N MET A 355 -22.15 4.13 24.29
CA MET A 355 -22.28 3.96 25.74
C MET A 355 -21.54 2.70 26.16
N PRO A 356 -20.69 2.80 27.20
CA PRO A 356 -20.01 1.63 27.78
C PRO A 356 -20.86 0.77 28.74
N LEU A 357 -20.78 -0.55 28.59
CA LEU A 357 -21.66 -1.52 29.28
C LEU A 357 -20.95 -2.54 30.20
N THR A 358 -19.65 -2.30 30.43
CA THR A 358 -18.83 -3.24 31.21
C THR A 358 -19.07 -2.91 32.66
N GLY A 359 -19.33 -3.94 33.46
CA GLY A 359 -19.78 -3.75 34.83
C GLY A 359 -21.30 -3.77 34.93
N ILE A 360 -21.97 -3.83 33.79
CA ILE A 360 -23.39 -4.09 33.77
C ILE A 360 -23.59 -5.51 33.26
N PRO A 361 -24.39 -6.26 34.07
CA PRO A 361 -24.82 -7.63 33.90
C PRO A 361 -25.63 -7.78 32.64
N GLU A 362 -25.33 -8.85 31.92
CA GLU A 362 -25.81 -9.03 30.56
C GLU A 362 -27.34 -9.24 30.54
N THR A 363 -27.90 -9.90 31.56
CA THR A 363 -29.35 -10.05 31.69
C THR A 363 -30.05 -8.70 31.88
N LYS A 364 -29.38 -7.76 32.54
CA LYS A 364 -29.96 -6.44 32.76
C LYS A 364 -30.01 -5.71 31.45
N ILE A 365 -28.94 -5.84 30.67
CA ILE A 365 -28.85 -5.18 29.37
C ILE A 365 -29.89 -5.81 28.45
N ALA A 366 -30.08 -7.12 28.52
CA ALA A 366 -31.08 -7.81 27.67
C ALA A 366 -32.50 -7.41 28.06
N ARG A 367 -32.74 -7.19 29.34
CA ARG A 367 -34.07 -6.78 29.78
C ARG A 367 -34.41 -5.41 29.19
N ILE A 368 -33.45 -4.49 29.25
CA ILE A 368 -33.66 -3.14 28.73
C ILE A 368 -33.78 -3.15 27.20
N MET A 369 -32.86 -3.81 26.52
CA MET A 369 -32.87 -3.88 25.05
C MET A 369 -34.18 -4.48 24.55
N THR A 370 -34.63 -5.54 25.19
CA THR A 370 -35.90 -6.18 24.81
C THR A 370 -37.08 -5.22 24.98
N ALA A 371 -37.12 -4.48 26.08
CA ALA A 371 -38.17 -3.47 26.29
C ALA A 371 -38.02 -2.28 25.32
N PHE A 372 -36.78 -1.96 24.95
CA PHE A 372 -36.56 -0.84 24.03
C PHE A 372 -37.11 -1.20 22.64
N PHE A 373 -36.77 -2.40 22.16
CA PHE A 373 -37.31 -2.93 20.91
C PHE A 373 -38.84 -3.00 20.88
N GLN A 374 -39.45 -3.34 22.03
CA GLN A 374 -40.91 -3.39 22.17
C GLN A 374 -41.48 -2.01 21.86
N ARG A 375 -40.95 -1.02 22.57
CA ARG A 375 -41.39 0.37 22.55
C ARG A 375 -41.31 0.94 21.14
N HIS A 376 -40.17 0.75 20.50
CA HIS A 376 -39.94 1.31 19.17
C HIS A 376 -40.30 0.34 18.03
N ASP A 377 -41.31 -0.49 18.28
CA ASP A 377 -41.95 -1.30 17.23
C ASP A 377 -40.94 -2.13 16.44
N MET A 378 -40.20 -2.96 17.18
CA MET A 378 -39.26 -3.92 16.60
C MET A 378 -39.48 -5.27 17.29
N PRO A 379 -40.71 -5.80 17.23
CA PRO A 379 -41.07 -7.02 17.95
C PRO A 379 -40.20 -8.25 17.61
N GLU A 380 -39.71 -8.34 16.38
CA GLU A 380 -38.87 -9.47 15.96
C GLU A 380 -37.55 -9.46 16.72
N GLN A 381 -36.98 -8.28 16.90
CA GLN A 381 -35.76 -8.11 17.66
C GLN A 381 -36.00 -8.42 19.15
N ALA A 382 -37.07 -7.86 19.71
CA ALA A 382 -37.39 -8.07 21.11
C ALA A 382 -37.53 -9.56 21.46
N GLU A 383 -38.21 -10.29 20.58
CA GLU A 383 -38.58 -11.68 20.84
C GLU A 383 -37.38 -12.61 21.05
N VAL A 384 -36.28 -12.34 20.35
CA VAL A 384 -35.15 -13.28 20.30
C VAL A 384 -33.83 -12.74 20.89
N PHE A 385 -33.81 -11.48 21.32
CA PHE A 385 -32.56 -10.88 21.76
C PHE A 385 -31.86 -11.71 22.81
N MET A 386 -32.59 -12.13 23.82
CA MET A 386 -32.00 -12.84 24.96
C MET A 386 -31.47 -14.19 24.56
N GLU A 387 -32.27 -14.97 23.85
CA GLU A 387 -31.88 -16.36 23.58
C GLU A 387 -30.67 -16.38 22.65
N ASN A 388 -30.58 -15.37 21.77
CA ASN A 388 -29.43 -15.17 20.90
C ASN A 388 -28.15 -14.85 21.68
N LEU A 389 -28.29 -14.01 22.70
CA LEU A 389 -27.17 -13.57 23.51
C LEU A 389 -26.64 -14.78 24.27
N GLN A 390 -27.56 -15.52 24.85
CA GLN A 390 -27.20 -16.77 25.49
C GLN A 390 -26.48 -17.73 24.58
N ALA A 391 -26.88 -17.82 23.31
CA ALA A 391 -26.28 -18.81 22.42
C ALA A 391 -24.89 -18.37 21.93
N TYR A 392 -24.68 -17.04 21.83
CA TYR A 392 -23.35 -16.52 21.55
C TYR A 392 -22.39 -16.97 22.65
N TYR A 393 -22.88 -16.94 23.91
CA TYR A 393 -22.11 -17.30 25.09
C TYR A 393 -22.72 -18.54 25.71
N GLU A 394 -22.79 -19.63 24.94
CA GLU A 394 -23.46 -20.86 25.38
C GLU A 394 -22.92 -21.42 26.67
N GLY A 395 -23.82 -21.90 27.52
CA GLY A 395 -23.45 -22.49 28.80
C GLY A 395 -23.12 -21.50 29.92
N LYS A 396 -22.80 -20.26 29.55
CA LYS A 396 -22.33 -19.27 30.52
C LYS A 396 -23.51 -18.59 31.21
N ASN A 397 -23.27 -18.06 32.41
CA ASN A 397 -24.32 -17.46 33.22
C ASN A 397 -24.35 -15.95 32.98
N LEU A 398 -25.48 -15.45 32.49
CA LEU A 398 -25.53 -14.07 32.00
C LEU A 398 -25.86 -13.06 33.09
N GLU A 399 -26.31 -13.52 34.26
CA GLU A 399 -26.46 -12.64 35.43
C GLU A 399 -25.11 -12.34 36.07
N GLU A 400 -24.18 -13.28 35.95
CA GLU A 400 -22.86 -13.14 36.52
C GLU A 400 -21.89 -12.45 35.57
N ALA A 401 -22.10 -12.58 34.26
CA ALA A 401 -21.24 -11.89 33.27
C ALA A 401 -21.47 -10.38 33.26
N THR A 402 -20.39 -9.61 33.17
CA THR A 402 -20.53 -8.16 33.00
C THR A 402 -19.75 -7.61 31.83
N ARG A 403 -18.80 -8.41 31.34
CA ARG A 403 -17.90 -7.99 30.27
C ARG A 403 -18.10 -8.76 28.95
N TYR A 404 -19.34 -9.12 28.60
CA TYR A 404 -19.62 -9.70 27.27
C TYR A 404 -20.13 -8.65 26.28
N GLN A 405 -21.23 -7.97 26.64
CA GLN A 405 -21.66 -6.75 25.98
C GLN A 405 -21.01 -5.57 26.72
N ALA A 406 -20.21 -4.89 25.88
CA ALA A 406 -19.18 -3.91 26.23
C ALA A 406 -19.50 -2.52 25.73
N TRP A 407 -20.03 -2.41 24.51
CA TRP A 407 -20.59 -1.12 24.05
C TRP A 407 -21.95 -1.25 23.38
N LEU A 408 -22.76 -0.21 23.54
CA LEU A 408 -23.96 0.01 22.76
C LEU A 408 -23.84 1.36 22.06
N SER A 409 -23.82 1.36 20.73
CA SER A 409 -23.82 2.60 19.93
C SER A 409 -25.25 3.03 19.66
N PHE A 410 -25.48 4.33 19.54
CA PHE A 410 -26.81 4.83 19.20
C PHE A 410 -26.80 5.99 18.22
N ALA A 411 -27.71 5.96 17.27
CA ALA A 411 -27.94 7.05 16.34
C ALA A 411 -29.41 7.04 15.93
N TYR A 412 -29.91 8.18 15.42
CA TYR A 412 -31.33 8.29 15.07
C TYR A 412 -31.64 9.21 13.88
N THR A 413 -32.38 8.68 12.92
CA THR A 413 -33.00 9.48 11.84
C THR A 413 -34.49 9.19 11.84
N LYS A 414 -35.31 10.21 11.55
CA LYS A 414 -36.78 10.06 11.55
C LYS A 414 -37.26 8.99 10.57
N GLU A 415 -36.60 8.89 9.42
CA GLU A 415 -37.00 7.88 8.41
C GLU A 415 -36.73 6.44 8.86
N LYS A 416 -35.45 6.08 9.02
CA LYS A 416 -35.06 4.71 9.32
C LYS A 416 -35.27 4.31 10.80
N GLY A 417 -35.34 5.29 11.69
CA GLY A 417 -35.57 5.03 13.12
C GLY A 417 -34.27 4.85 13.88
N PRO A 418 -34.34 4.23 15.09
CA PRO A 418 -33.13 4.07 15.91
C PRO A 418 -32.09 3.10 15.34
N TYR A 419 -30.83 3.53 15.37
CA TYR A 419 -29.68 2.75 14.91
C TYR A 419 -28.84 2.36 16.16
N LEU A 420 -28.82 1.08 16.51
CA LEU A 420 -28.00 0.62 17.65
C LEU A 420 -27.18 -0.60 17.29
N SER A 421 -25.90 -0.56 17.66
CA SER A 421 -25.01 -1.70 17.50
C SER A 421 -24.52 -2.14 18.88
N ILE A 422 -24.39 -3.45 19.07
CA ILE A 422 -23.75 -4.01 20.25
C ILE A 422 -22.34 -4.51 19.87
N TYR A 423 -21.32 -4.04 20.58
CA TYR A 423 -19.96 -4.49 20.34
C TYR A 423 -19.58 -5.52 21.42
N TYR A 424 -19.18 -6.73 21.00
CA TYR A 424 -18.98 -7.85 21.94
C TYR A 424 -17.53 -8.04 22.35
N PHE A 425 -17.33 -8.42 23.61
CA PHE A 425 -16.04 -8.86 24.12
C PHE A 425 -16.01 -10.37 24.19
N TRP A 426 -14.83 -10.93 23.96
CA TRP A 426 -14.62 -12.37 24.05
C TRP A 426 -14.61 -12.84 25.49
N PRO A 427 -15.17 -14.02 25.76
CA PRO A 427 -15.27 -14.51 27.12
C PRO A 427 -13.91 -14.89 27.72
N GLU A 428 -13.73 -14.57 29.00
CA GLU A 428 -12.54 -15.00 29.73
C GLU A 428 -12.56 -16.54 29.86
N PRO B 21 36.25 -28.05 -13.41
CA PRO B 21 36.50 -26.86 -12.58
C PRO B 21 35.26 -26.45 -11.77
N ILE B 22 35.37 -25.31 -11.08
CA ILE B 22 34.24 -24.75 -10.33
C ILE B 22 33.56 -23.71 -11.21
N PRO B 23 32.34 -24.02 -11.69
CA PRO B 23 31.65 -23.12 -12.60
C PRO B 23 31.32 -21.79 -11.95
N LYS B 24 31.29 -20.74 -12.75
CA LYS B 24 31.02 -19.39 -12.28
C LYS B 24 29.67 -19.26 -11.60
N ASP B 25 28.67 -20.05 -12.01
CA ASP B 25 27.34 -19.97 -11.39
C ASP B 25 27.12 -21.01 -10.29
N ILE B 26 28.22 -21.39 -9.63
CA ILE B 26 28.17 -22.39 -8.56
C ILE B 26 27.11 -22.09 -7.47
N ALA B 27 26.87 -20.81 -7.17
CA ALA B 27 25.91 -20.45 -6.14
C ALA B 27 24.48 -20.74 -6.58
N TYR B 28 24.20 -20.56 -7.87
CA TYR B 28 22.91 -20.94 -8.44
C TYR B 28 22.72 -22.47 -8.35
N HIS B 29 23.75 -23.22 -8.74
CA HIS B 29 23.67 -24.67 -8.71
C HIS B 29 23.46 -25.17 -7.28
N THR B 30 24.02 -24.43 -6.31
CA THR B 30 23.98 -24.79 -4.89
C THR B 30 22.63 -24.50 -4.26
N LEU B 31 22.09 -23.31 -4.47
CA LEU B 31 20.75 -23.00 -3.93
C LEU B 31 19.65 -23.86 -4.58
N THR B 32 19.81 -24.19 -5.86
CA THR B 32 18.91 -25.14 -6.51
C THR B 32 18.80 -26.47 -5.77
N LYS B 33 19.87 -26.88 -5.08
CA LYS B 33 19.81 -28.09 -4.24
C LYS B 33 19.07 -27.92 -2.90
N ALA B 34 18.77 -26.68 -2.50
CA ALA B 34 18.12 -26.40 -1.21
C ALA B 34 16.80 -25.63 -1.26
N LEU B 35 16.47 -24.93 -2.36
CA LEU B 35 15.20 -24.17 -2.40
C LEU B 35 14.05 -25.03 -2.88
N LEU B 36 12.93 -24.92 -2.21
CA LEU B 36 11.73 -25.67 -2.55
C LEU B 36 10.69 -24.68 -3.06
N PHE B 37 10.59 -24.50 -4.38
CA PHE B 37 9.63 -23.55 -4.95
C PHE B 37 8.23 -24.08 -4.87
N PRO B 38 7.26 -23.24 -4.49
CA PRO B 38 5.88 -23.71 -4.32
C PRO B 38 5.10 -24.01 -5.62
N ASP B 39 5.46 -23.32 -6.72
CA ASP B 39 4.81 -23.56 -8.04
C ASP B 39 5.78 -23.54 -9.22
N ILE B 40 5.30 -24.04 -10.35
CA ILE B 40 6.12 -24.24 -11.54
C ILE B 40 6.58 -22.93 -12.13
N ASP B 41 5.78 -21.88 -11.99
CA ASP B 41 6.17 -20.61 -12.59
C ASP B 41 7.33 -19.99 -11.83
N GLN B 42 7.33 -20.09 -10.50
CA GLN B 42 8.48 -19.58 -9.73
C GLN B 42 9.73 -20.34 -10.08
N TYR B 43 9.56 -21.67 -10.15
CA TYR B 43 10.60 -22.59 -10.58
C TYR B 43 11.24 -22.13 -11.86
N GLN B 44 10.42 -21.87 -12.86
CA GLN B 44 10.91 -21.53 -14.19
C GLN B 44 11.59 -20.15 -14.17
N HIS B 45 11.05 -19.20 -13.42
CA HIS B 45 11.69 -17.89 -13.29
C HIS B 45 13.07 -18.01 -12.65
N TRP B 46 13.18 -18.85 -11.62
CA TRP B 46 14.46 -19.13 -10.96
C TRP B 46 15.48 -19.65 -11.97
N HIS B 47 15.12 -20.68 -12.75
CA HIS B 47 16.11 -21.27 -13.68
C HIS B 47 16.39 -20.40 -14.89
N HIS B 48 15.54 -19.42 -15.13
CA HIS B 48 15.70 -18.51 -16.23
C HIS B 48 16.58 -17.33 -15.82
N VAL B 49 16.43 -16.85 -14.58
CA VAL B 49 17.12 -15.63 -14.15
C VAL B 49 18.36 -15.91 -13.30
N ALA B 50 18.32 -16.93 -12.46
CA ALA B 50 19.34 -17.04 -11.42
C ALA B 50 20.75 -17.26 -11.97
N PRO B 51 20.90 -18.04 -13.06
CA PRO B 51 22.26 -18.27 -13.58
C PRO B 51 23.04 -17.03 -14.00
N MET B 52 22.38 -16.10 -14.68
CA MET B 52 23.08 -14.89 -15.14
C MET B 52 23.28 -14.01 -13.93
N LEU B 53 22.26 -13.95 -13.07
CA LEU B 53 22.38 -13.15 -11.86
C LEU B 53 23.61 -13.62 -11.05
N ALA B 54 23.82 -14.92 -10.95
CA ALA B 54 24.93 -15.45 -10.18
C ALA B 54 26.25 -14.99 -10.80
N LYS B 55 26.29 -15.03 -12.13
CA LYS B 55 27.51 -14.67 -12.84
C LYS B 55 27.82 -13.19 -12.66
N MET B 56 26.79 -12.35 -12.71
CA MET B 56 26.96 -10.92 -12.54
C MET B 56 27.46 -10.60 -11.14
N LEU B 57 26.94 -11.33 -10.16
CA LEU B 57 27.37 -11.14 -8.79
C LEU B 57 28.82 -11.61 -8.60
N VAL B 58 29.27 -12.70 -9.25
CA VAL B 58 30.70 -13.00 -9.21
C VAL B 58 31.54 -11.87 -9.85
N ASP B 59 31.14 -11.45 -11.04
CA ASP B 59 31.84 -10.39 -11.79
C ASP B 59 31.94 -9.04 -11.06
N GLY B 60 30.89 -8.68 -10.31
CA GLY B 60 30.91 -7.43 -9.55
C GLY B 60 31.73 -7.53 -8.27
N LYS B 61 32.40 -8.66 -8.07
CA LYS B 61 33.28 -8.82 -6.92
C LYS B 61 32.50 -8.75 -5.61
N TYR B 62 31.26 -9.25 -5.62
CA TYR B 62 30.47 -9.36 -4.39
C TYR B 62 31.08 -10.45 -3.50
N SER B 63 31.01 -10.26 -2.19
CA SER B 63 31.54 -11.28 -1.31
C SER B 63 30.67 -12.51 -1.49
N ILE B 64 31.28 -13.68 -1.38
CA ILE B 64 30.56 -14.92 -1.54
C ILE B 64 29.30 -14.90 -0.68
N HIS B 65 29.39 -14.39 0.55
CA HIS B 65 28.21 -14.26 1.40
C HIS B 65 27.13 -13.40 0.77
N GLN B 66 27.50 -12.26 0.22
CA GLN B 66 26.49 -11.37 -0.32
C GLN B 66 25.89 -11.94 -1.62
N GLN B 67 26.66 -12.76 -2.35
CA GLN B 67 26.11 -13.54 -3.47
C GLN B 67 24.94 -14.44 -3.03
N TYR B 68 25.11 -15.24 -1.98
CA TYR B 68 24.01 -16.09 -1.53
C TYR B 68 22.86 -15.26 -0.95
N GLU B 69 23.17 -14.16 -0.27
CA GLU B 69 22.14 -13.26 0.25
C GLU B 69 21.20 -12.80 -0.87
N TYR B 70 21.79 -12.28 -1.94
CA TYR B 70 20.99 -11.68 -2.98
C TYR B 70 20.34 -12.69 -3.92
N LEU B 71 20.99 -13.82 -4.22
CA LEU B 71 20.29 -14.87 -5.00
C LEU B 71 19.08 -15.43 -4.23
N CYS B 72 19.26 -15.65 -2.93
CA CYS B 72 18.21 -16.20 -2.10
C CYS B 72 17.07 -15.18 -1.95
N LEU B 73 17.43 -13.93 -1.78
CA LEU B 73 16.44 -12.85 -1.76
C LEU B 73 15.68 -12.79 -3.08
N PHE B 74 16.35 -13.04 -4.20
CA PHE B 74 15.63 -13.10 -5.46
C PHE B 74 14.56 -14.21 -5.42
N ALA B 75 14.98 -15.40 -4.99
CA ALA B 75 14.07 -16.54 -4.92
C ALA B 75 12.87 -16.27 -4.02
N GLN B 76 13.11 -15.67 -2.86
CA GLN B 76 12.09 -15.54 -1.82
C GLN B 76 11.14 -14.38 -2.05
N LEU B 77 11.68 -13.31 -2.60
CA LEU B 77 10.96 -12.05 -2.65
C LEU B 77 10.54 -11.67 -4.07
N VAL B 78 11.40 -11.88 -5.06
CA VAL B 78 11.12 -11.40 -6.41
C VAL B 78 10.41 -12.43 -7.27
N ALA B 79 10.86 -13.67 -7.26
CA ALA B 79 10.22 -14.73 -8.08
C ALA B 79 8.72 -14.87 -7.84
N PRO B 80 8.28 -14.81 -6.58
CA PRO B 80 6.83 -14.96 -6.38
C PRO B 80 5.96 -13.88 -7.03
N VAL B 81 6.55 -12.75 -7.39
CA VAL B 81 5.79 -11.66 -8.03
C VAL B 81 6.14 -11.46 -9.50
N LEU B 82 6.81 -12.43 -10.13
CA LEU B 82 7.09 -12.35 -11.57
C LEU B 82 5.95 -12.92 -12.45
N GLY B 83 4.95 -13.55 -11.82
CA GLY B 83 3.74 -13.99 -12.52
C GLY B 83 3.92 -15.32 -13.22
N PRO B 84 2.87 -15.80 -13.89
CA PRO B 84 2.97 -17.00 -14.72
C PRO B 84 4.12 -16.92 -15.74
N TYR B 85 4.80 -18.04 -15.99
CA TYR B 85 5.94 -18.04 -16.91
C TYR B 85 5.42 -17.94 -18.34
N PRO B 86 5.84 -16.89 -19.08
CA PRO B 86 5.27 -16.65 -20.40
C PRO B 86 5.88 -17.50 -21.49
N SER B 87 5.54 -18.78 -21.48
CA SER B 87 5.88 -19.66 -22.56
C SER B 87 5.30 -19.12 -23.88
N PRO B 88 5.84 -19.56 -25.03
CA PRO B 88 5.27 -19.14 -26.31
C PRO B 88 3.81 -19.54 -26.48
N GLY B 89 2.95 -18.56 -26.77
CA GLY B 89 1.53 -18.81 -27.07
C GLY B 89 0.64 -18.96 -25.86
N ARG B 90 1.18 -18.64 -24.67
CA ARG B 90 0.43 -18.67 -23.43
C ARG B 90 -0.28 -17.32 -23.20
N ASP B 91 -1.59 -17.38 -22.97
CA ASP B 91 -2.42 -16.19 -22.81
C ASP B 91 -2.30 -15.64 -21.39
N VAL B 92 -1.25 -14.87 -21.15
CA VAL B 92 -1.03 -14.27 -19.84
C VAL B 92 -0.61 -12.81 -20.00
N TYR B 93 -0.64 -12.06 -18.90
CA TYR B 93 -0.33 -10.66 -18.90
C TYR B 93 1.17 -10.49 -19.19
N ARG B 94 1.49 -9.60 -20.14
CA ARG B 94 2.86 -9.52 -20.69
C ARG B 94 3.51 -8.18 -20.44
N CYS B 95 4.83 -8.24 -20.30
CA CYS B 95 5.64 -7.06 -20.10
C CYS B 95 6.79 -7.12 -21.08
N THR B 96 7.54 -6.03 -21.21
CA THR B 96 8.61 -5.98 -22.22
C THR B 96 10.01 -5.86 -21.65
N LEU B 97 10.15 -6.00 -20.33
CA LEU B 97 11.45 -5.96 -19.69
C LEU B 97 12.29 -7.15 -20.14
N GLY B 98 13.53 -6.86 -20.55
CA GLY B 98 14.45 -7.87 -21.08
C GLY B 98 14.00 -8.39 -22.43
N GLY B 99 13.12 -7.63 -23.08
CA GLY B 99 12.51 -8.03 -24.34
C GLY B 99 11.05 -8.39 -24.14
N ASN B 100 10.81 -9.43 -23.35
CA ASN B 100 9.48 -10.09 -23.28
C ASN B 100 9.14 -10.73 -21.91
N MET B 101 9.78 -10.27 -20.84
CA MET B 101 9.58 -10.83 -19.53
C MET B 101 9.09 -9.74 -18.58
N THR B 102 8.74 -10.17 -17.37
CA THR B 102 8.44 -9.24 -16.28
C THR B 102 9.70 -8.95 -15.46
N VAL B 103 10.88 -9.29 -15.98
CA VAL B 103 12.12 -9.11 -15.24
C VAL B 103 13.30 -8.80 -16.15
N GLU B 104 14.23 -7.98 -15.67
CA GLU B 104 15.37 -7.50 -16.48
C GLU B 104 16.57 -7.24 -15.60
N LEU B 105 17.73 -7.78 -15.99
CA LEU B 105 18.99 -7.51 -15.31
C LEU B 105 19.71 -6.38 -16.00
N SER B 106 20.37 -5.52 -15.23
CA SER B 106 21.31 -4.57 -15.79
C SER B 106 22.53 -4.52 -14.90
N GLN B 107 23.61 -3.88 -15.39
CA GLN B 107 24.88 -3.82 -14.68
C GLN B 107 25.53 -2.43 -14.83
N ASN B 108 25.93 -1.84 -13.71
CA ASN B 108 26.51 -0.51 -13.71
C ASN B 108 28.01 -0.62 -13.64
N PHE B 109 28.73 0.18 -14.46
CA PHE B 109 30.18 0.15 -14.56
C PHE B 109 30.79 1.51 -14.21
N GLN B 110 31.70 1.52 -13.22
CA GLN B 110 32.28 2.75 -12.66
C GLN B 110 33.71 2.47 -12.19
N ARG B 111 34.54 3.51 -12.09
CA ARG B 111 35.85 3.36 -11.47
C ARG B 111 35.75 2.64 -10.16
N SER B 112 34.73 2.98 -9.35
CA SER B 112 34.62 2.39 -8.02
C SER B 112 34.22 0.91 -8.04
N GLY B 113 33.65 0.45 -9.16
CA GLY B 113 33.26 -0.96 -9.29
C GLY B 113 32.03 -1.24 -10.12
N SER B 114 31.60 -2.50 -10.10
CA SER B 114 30.46 -2.95 -10.87
C SER B 114 29.34 -3.37 -9.95
N THR B 115 28.12 -2.95 -10.26
CA THR B 115 26.94 -3.29 -9.47
C THR B 115 25.90 -3.97 -10.34
N THR B 116 25.14 -4.90 -9.78
CA THR B 116 24.03 -5.50 -10.47
C THR B 116 22.73 -4.84 -10.01
N ARG B 117 21.78 -4.71 -10.93
CA ARG B 117 20.46 -4.22 -10.58
C ARG B 117 19.42 -5.15 -11.19
N ILE B 118 18.29 -5.31 -10.52
CA ILE B 118 17.22 -6.11 -11.10
C ILE B 118 15.90 -5.33 -11.10
N ALA B 119 15.28 -5.25 -12.28
CA ALA B 119 14.03 -4.51 -12.50
C ALA B 119 12.93 -5.51 -12.85
N PHE B 120 11.71 -5.25 -12.40
CA PHE B 120 10.60 -6.16 -12.68
C PHE B 120 9.26 -5.46 -12.51
N GLU B 121 8.24 -5.99 -13.19
CA GLU B 121 6.87 -5.59 -12.92
C GLU B 121 6.24 -6.58 -11.94
N PRO B 122 6.06 -6.17 -10.68
CA PRO B 122 5.30 -7.03 -9.79
C PRO B 122 3.95 -7.34 -10.40
N VAL B 123 3.66 -8.62 -10.53
CA VAL B 123 2.42 -9.07 -11.12
C VAL B 123 2.06 -10.38 -10.44
N ARG B 124 0.78 -10.68 -10.42
CA ARG B 124 0.28 -11.91 -9.84
C ARG B 124 -0.69 -12.46 -10.85
N TYR B 125 -0.95 -13.76 -10.79
CA TYR B 125 -1.71 -14.40 -11.85
C TYR B 125 -3.08 -13.79 -12.09
N GLN B 126 -3.62 -13.12 -11.07
CA GLN B 126 -4.93 -12.50 -11.18
C GLN B 126 -4.97 -11.49 -12.34
N ALA B 127 -3.84 -10.85 -12.63
CA ALA B 127 -3.76 -9.91 -13.75
C ALA B 127 -3.94 -10.57 -15.11
N SER B 128 -3.80 -11.89 -15.20
CA SER B 128 -3.93 -12.60 -16.48
C SER B 128 -5.30 -13.17 -16.67
N VAL B 129 -6.06 -13.25 -15.59
CA VAL B 129 -7.22 -14.11 -15.55
C VAL B 129 -8.48 -13.30 -15.25
N GLY B 130 -8.41 -11.99 -15.51
CA GLY B 130 -9.56 -11.10 -15.40
C GLY B 130 -9.71 -10.33 -14.08
N HIS B 131 -8.98 -10.69 -13.03
CA HIS B 131 -9.28 -10.11 -11.70
C HIS B 131 -8.41 -8.88 -11.28
N ASP B 132 -7.88 -8.12 -12.25
CA ASP B 132 -7.02 -6.93 -11.99
C ASP B 132 -6.47 -6.41 -13.34
N ARG B 133 -7.35 -5.82 -14.14
CA ARG B 133 -7.05 -5.43 -15.54
C ARG B 133 -5.72 -4.68 -15.69
N PHE B 134 -5.53 -3.63 -14.89
CA PHE B 134 -4.33 -2.80 -14.98
C PHE B 134 -3.27 -3.08 -13.89
N ASN B 135 -3.31 -4.28 -13.30
CA ASN B 135 -2.29 -4.73 -12.37
C ASN B 135 -1.93 -3.67 -11.33
N ARG B 136 -2.89 -3.33 -10.48
CA ARG B 136 -2.71 -2.24 -9.51
C ARG B 136 -2.40 -2.74 -8.07
N THR B 137 -2.71 -3.99 -7.75
CA THR B 137 -2.54 -4.52 -6.41
C THR B 137 -1.19 -5.19 -6.16
N SER B 138 -0.61 -5.79 -7.19
CA SER B 138 0.59 -6.63 -7.01
C SER B 138 1.77 -5.92 -6.34
N VAL B 139 1.98 -4.67 -6.72
CA VAL B 139 3.07 -3.89 -6.17
C VAL B 139 2.86 -3.71 -4.67
N ASN B 140 1.61 -3.48 -4.25
CA ASN B 140 1.35 -3.40 -2.82
C ASN B 140 1.74 -4.72 -2.12
N ALA B 141 1.38 -5.86 -2.70
CA ALA B 141 1.71 -7.18 -2.11
C ALA B 141 3.22 -7.30 -1.97
N PHE B 142 3.93 -6.90 -3.02
CA PHE B 142 5.36 -6.97 -3.08
C PHE B 142 6.05 -6.09 -2.05
N PHE B 143 5.60 -4.85 -1.91
CA PHE B 143 6.20 -3.95 -0.94
C PHE B 143 6.01 -4.48 0.49
N SER B 144 4.86 -5.11 0.72
CA SER B 144 4.53 -5.63 2.05
C SER B 144 5.48 -6.77 2.44
N GLN B 145 6.06 -7.44 1.46
CA GLN B 145 7.12 -8.40 1.71
C GLN B 145 8.52 -7.74 1.72
N LEU B 146 8.84 -6.94 0.70
CA LEU B 146 10.14 -6.29 0.64
C LEU B 146 10.44 -5.60 1.96
N GLN B 147 9.47 -4.86 2.50
CA GLN B 147 9.71 -4.08 3.71
C GLN B 147 9.99 -4.96 4.93
N LEU B 148 9.53 -6.19 4.92
CA LEU B 148 9.85 -7.14 5.99
C LEU B 148 11.35 -7.53 6.00
N LEU B 149 12.01 -7.54 4.84
CA LEU B 149 13.43 -7.96 4.78
C LEU B 149 14.42 -6.82 4.70
N VAL B 150 14.01 -5.68 4.19
CA VAL B 150 14.93 -4.56 4.03
C VAL B 150 14.28 -3.35 4.72
N LYS B 151 14.69 -3.10 5.97
CA LYS B 151 14.09 -2.06 6.80
C LYS B 151 14.24 -0.66 6.25
N SER B 152 15.27 -0.41 5.42
CA SER B 152 15.52 0.94 4.95
C SER B 152 14.56 1.35 3.85
N VAL B 153 13.87 0.39 3.24
CA VAL B 153 12.91 0.71 2.16
C VAL B 153 11.70 1.45 2.74
N ASN B 154 11.40 2.60 2.13
CA ASN B 154 10.33 3.47 2.56
C ASN B 154 9.38 3.67 1.38
N ILE B 155 8.10 3.43 1.60
CA ILE B 155 7.15 3.51 0.49
C ILE B 155 6.19 4.68 0.62
N GLU B 156 6.51 5.64 1.47
CA GLU B 156 5.71 6.85 1.53
C GLU B 156 5.48 7.43 0.11
N LEU B 157 6.53 7.49 -0.70
CA LEU B 157 6.40 8.13 -2.03
C LEU B 157 5.46 7.36 -2.94
N HIS B 158 5.35 6.06 -2.73
CA HIS B 158 4.38 5.26 -3.48
C HIS B 158 2.96 5.71 -3.15
N HIS B 159 2.66 5.83 -1.86
CA HIS B 159 1.36 6.31 -1.43
C HIS B 159 1.05 7.69 -2.00
N LEU B 160 2.03 8.60 -1.99
CA LEU B 160 1.81 9.99 -2.41
C LEU B 160 1.68 10.12 -3.92
N LEU B 161 2.51 9.37 -4.64
CA LEU B 161 2.64 9.55 -6.09
C LEU B 161 1.64 8.75 -6.92
N SER B 162 1.17 7.65 -6.38
CA SER B 162 0.20 6.78 -7.08
C SER B 162 -1.01 7.51 -7.70
N GLU B 163 -1.68 8.36 -6.92
CA GLU B 163 -2.85 9.09 -7.38
C GLU B 163 -2.53 9.96 -8.62
N HIS B 164 -1.38 10.62 -8.61
CA HIS B 164 -1.02 11.54 -9.68
C HIS B 164 -0.57 10.86 -10.97
N LEU B 165 -0.09 9.62 -10.86
CA LEU B 165 0.65 9.01 -11.97
C LEU B 165 0.11 7.66 -12.45
N THR B 166 -0.96 7.15 -11.85
CA THR B 166 -1.52 5.89 -12.31
C THR B 166 -3.01 6.00 -12.35
N LEU B 167 -3.66 5.03 -13.00
CA LEU B 167 -5.09 5.08 -13.25
C LEU B 167 -5.90 4.87 -11.96
N THR B 168 -6.69 5.86 -11.57
CA THR B 168 -7.62 5.69 -10.44
C THR B 168 -8.91 5.07 -10.94
N ALA B 169 -9.69 4.48 -10.04
CA ALA B 169 -11.02 3.93 -10.40
C ALA B 169 -11.82 4.93 -11.23
N LYS B 170 -11.79 6.20 -10.82
CA LYS B 170 -12.54 7.28 -11.49
C LYS B 170 -12.03 7.54 -12.90
N ASP B 171 -10.70 7.56 -13.06
CA ASP B 171 -10.07 7.65 -14.39
C ASP B 171 -10.51 6.49 -15.27
N GLU B 172 -10.54 5.29 -14.68
CA GLU B 172 -10.93 4.08 -15.40
C GLU B 172 -12.35 4.15 -15.98
N ARG B 173 -13.22 4.93 -15.35
CA ARG B 173 -14.62 5.03 -15.79
C ARG B 173 -14.81 6.02 -16.94
N ASN B 174 -13.84 6.91 -17.14
CA ASN B 174 -13.82 7.80 -18.28
C ASN B 174 -12.93 7.28 -19.40
N LEU B 175 -12.44 6.05 -19.27
CA LEU B 175 -11.43 5.53 -20.19
C LEU B 175 -12.06 4.88 -21.42
N ASN B 176 -11.79 5.47 -22.58
CA ASN B 176 -12.27 4.95 -23.85
C ASN B 176 -11.43 3.77 -24.35
N GLU B 177 -12.11 2.67 -24.72
CA GLU B 177 -11.44 1.44 -25.17
C GLU B 177 -10.68 1.59 -26.48
N GLU B 178 -11.11 2.52 -27.33
CA GLU B 178 -10.37 2.86 -28.56
C GLU B 178 -9.09 3.66 -28.25
N GLN B 179 -9.15 4.54 -27.26
CA GLN B 179 -7.99 5.33 -26.81
C GLN B 179 -6.94 4.45 -26.11
N LEU B 180 -7.38 3.35 -25.49
CA LEU B 180 -6.45 2.32 -24.96
C LEU B 180 -5.83 1.53 -26.11
N THR B 181 -6.64 1.07 -27.06
CA THR B 181 -6.15 0.39 -28.27
C THR B 181 -5.07 1.21 -28.99
N LYS B 182 -5.36 2.49 -29.22
CA LYS B 182 -4.41 3.43 -29.86
C LYS B 182 -3.13 3.63 -29.04
N TYR B 183 -3.26 3.61 -27.71
CA TYR B 183 -2.10 3.70 -26.83
C TYR B 183 -1.33 2.37 -26.75
N LEU B 184 -2.06 1.24 -26.84
CA LEU B 184 -1.42 -0.10 -26.77
C LEU B 184 -0.61 -0.48 -28.02
N THR B 185 -1.01 -0.02 -29.21
CA THR B 185 -0.24 -0.28 -30.42
C THR B 185 1.04 0.57 -30.48
N ASN B 186 1.12 1.63 -29.66
CA ASN B 186 2.33 2.46 -29.58
C ASN B 186 3.31 2.01 -28.48
N PHE B 187 2.80 1.84 -27.25
CA PHE B 187 3.65 1.59 -26.07
C PHE B 187 3.57 0.14 -25.52
N GLN B 188 2.77 -0.71 -26.16
CA GLN B 188 2.71 -2.18 -25.97
C GLN B 188 1.97 -2.70 -24.71
N VAL B 189 2.28 -2.14 -23.54
CA VAL B 189 1.90 -2.74 -22.26
C VAL B 189 0.95 -1.90 -21.38
N LYS B 190 0.13 -2.58 -20.57
CA LYS B 190 -0.71 -1.94 -19.55
C LYS B 190 0.05 -1.47 -18.29
N THR B 191 1.29 -1.91 -18.15
CA THR B 191 2.12 -1.60 -17.00
C THR B 191 1.98 -0.19 -16.44
N GLN B 192 1.66 -0.11 -15.15
CA GLN B 192 1.61 1.16 -14.37
C GLN B 192 2.84 1.36 -13.48
N TYR B 193 3.35 0.28 -12.90
CA TYR B 193 4.51 0.34 -11.99
C TYR B 193 5.59 -0.65 -12.39
N VAL B 194 6.85 -0.22 -12.31
CA VAL B 194 7.98 -1.14 -12.34
C VAL B 194 8.81 -0.83 -11.10
N VAL B 195 9.45 -1.85 -10.56
CA VAL B 195 10.30 -1.69 -9.41
C VAL B 195 11.68 -2.20 -9.78
N ALA B 196 12.71 -1.54 -9.24
CA ALA B 196 14.07 -1.99 -9.45
C ALA B 196 14.80 -1.99 -8.11
N LEU B 197 15.57 -3.06 -7.86
CA LEU B 197 16.41 -3.15 -6.70
C LEU B 197 17.87 -2.96 -7.13
N ASP B 198 18.49 -1.84 -6.75
CA ASP B 198 19.95 -1.68 -6.88
C ASP B 198 20.61 -2.54 -5.81
N LEU B 199 21.35 -3.57 -6.22
CA LEU B 199 21.97 -4.48 -5.28
C LEU B 199 23.34 -3.95 -4.82
N ARG B 200 23.33 -2.84 -4.09
CA ARG B 200 24.56 -2.24 -3.63
C ARG B 200 25.22 -3.09 -2.53
N LYS B 201 26.55 -3.03 -2.49
CA LYS B 201 27.32 -3.80 -1.52
C LYS B 201 26.99 -3.31 -0.10
N THR B 202 26.59 -2.04 0.03
CA THR B 202 26.21 -1.48 1.33
C THR B 202 24.76 -1.77 1.74
N GLY B 203 23.96 -2.35 0.86
CA GLY B 203 22.56 -2.60 1.14
C GLY B 203 21.65 -2.23 -0.02
N ILE B 204 20.54 -2.94 -0.17
CA ILE B 204 19.62 -2.68 -1.26
C ILE B 204 19.00 -1.29 -1.24
N VAL B 205 18.91 -0.64 -2.38
CA VAL B 205 18.07 0.56 -2.51
C VAL B 205 17.06 0.25 -3.57
N ALA B 206 15.79 0.49 -3.28
CA ALA B 206 14.71 0.18 -4.22
C ALA B 206 14.23 1.45 -4.91
N LYS B 207 13.84 1.28 -6.17
CA LYS B 207 13.45 2.38 -7.05
C LYS B 207 12.09 2.02 -7.64
N GLU B 208 11.19 3.00 -7.74
CA GLU B 208 9.88 2.77 -8.34
C GLU B 208 9.70 3.67 -9.55
N TYR B 209 9.15 3.08 -10.62
CA TYR B 209 8.82 3.80 -11.83
C TYR B 209 7.29 3.81 -11.95
N PHE B 210 6.73 4.98 -12.24
CA PHE B 210 5.29 5.14 -12.48
C PHE B 210 5.07 5.52 -13.92
N PHE B 211 4.20 4.80 -14.60
CA PHE B 211 3.91 5.04 -16.02
C PHE B 211 2.50 5.58 -16.21
N PRO B 212 2.38 6.91 -16.41
CA PRO B 212 1.07 7.57 -16.48
C PRO B 212 0.42 7.62 -17.83
N GLY B 213 0.97 6.92 -18.81
CA GLY B 213 0.37 6.91 -20.16
C GLY B 213 -1.12 6.61 -20.24
N ILE B 214 -1.59 5.61 -19.52
CA ILE B 214 -2.99 5.22 -19.60
C ILE B 214 -3.90 6.18 -18.85
N LYS B 215 -3.46 6.64 -17.68
CA LYS B 215 -4.19 7.67 -16.94
C LYS B 215 -4.35 8.88 -17.84
N CYS B 216 -3.27 9.25 -18.53
CA CYS B 216 -3.32 10.39 -19.48
C CYS B 216 -4.27 10.16 -20.65
N ALA B 217 -4.33 8.92 -21.13
CA ALA B 217 -5.33 8.57 -22.14
C ALA B 217 -6.73 8.80 -21.60
N ALA B 218 -6.96 8.47 -20.34
CA ALA B 218 -8.26 8.68 -19.71
C ALA B 218 -8.55 10.17 -19.44
N THR B 219 -7.55 10.91 -18.95
CA THR B 219 -7.76 12.29 -18.47
C THR B 219 -7.52 13.33 -19.52
N GLY B 220 -6.65 13.03 -20.48
CA GLY B 220 -6.30 13.97 -21.55
C GLY B 220 -5.21 14.93 -21.15
N GLN B 221 -4.57 14.67 -20.02
CA GLN B 221 -3.46 15.46 -19.53
C GLN B 221 -2.19 14.93 -20.20
N THR B 222 -1.17 15.78 -20.33
CA THR B 222 0.16 15.33 -20.79
C THR B 222 0.89 14.51 -19.70
N GLY B 223 1.64 13.50 -20.13
CA GLY B 223 2.46 12.72 -19.23
C GLY B 223 3.48 13.58 -18.51
N SER B 224 4.11 14.47 -19.29
CA SER B 224 5.04 15.47 -18.76
C SER B 224 4.41 16.30 -17.65
N ASN B 225 3.24 16.87 -17.90
CA ASN B 225 2.54 17.66 -16.89
C ASN B 225 2.21 16.84 -15.64
N ALA B 226 1.82 15.58 -15.83
CA ALA B 226 1.48 14.73 -14.71
C ALA B 226 2.71 14.52 -13.83
N CYS B 227 3.84 14.23 -14.48
CA CYS B 227 5.07 13.98 -13.76
C CYS B 227 5.48 15.19 -12.95
N PHE B 228 5.45 16.37 -13.56
CA PHE B 228 5.90 17.57 -12.87
C PHE B 228 4.88 18.02 -11.83
N GLY B 229 3.59 17.80 -12.12
CA GLY B 229 2.56 18.01 -11.12
C GLY B 229 2.83 17.13 -9.90
N ALA B 230 3.16 15.86 -10.14
CA ALA B 230 3.42 14.91 -9.06
C ALA B 230 4.56 15.38 -8.17
N ILE B 231 5.65 15.79 -8.80
CA ILE B 231 6.84 16.24 -8.07
C ILE B 231 6.50 17.46 -7.23
N ARG B 232 5.80 18.42 -7.82
CA ARG B 232 5.42 19.65 -7.11
C ARG B 232 4.47 19.41 -5.95
N ALA B 233 3.69 18.34 -6.02
CA ALA B 233 2.77 17.99 -4.94
C ALA B 233 3.53 17.40 -3.75
N VAL B 234 4.64 16.71 -4.02
CA VAL B 234 5.49 16.15 -2.97
C VAL B 234 6.50 17.16 -2.42
N ASP B 235 7.04 18.01 -3.30
CA ASP B 235 7.97 19.06 -2.91
C ASP B 235 7.18 20.31 -2.51
N LYS B 236 6.56 20.26 -1.34
CA LYS B 236 5.71 21.36 -0.87
C LYS B 236 6.53 22.64 -0.62
N ASP B 237 7.78 22.49 -0.18
CA ASP B 237 8.63 23.64 0.15
C ASP B 237 9.25 24.35 -1.07
N GLY B 238 9.24 23.68 -2.23
CA GLY B 238 9.62 24.29 -3.51
C GLY B 238 11.10 24.26 -3.86
N HIS B 239 11.84 23.31 -3.27
CA HIS B 239 13.30 23.21 -3.49
C HIS B 239 13.65 22.78 -4.92
N LEU B 240 12.76 22.03 -5.56
CA LEU B 240 12.98 21.46 -6.88
C LEU B 240 12.41 22.35 -7.99
N ASP B 241 11.73 23.43 -7.63
CA ASP B 241 10.93 24.19 -8.59
C ASP B 241 11.72 24.71 -9.81
N SER B 242 12.87 25.34 -9.57
CA SER B 242 13.65 25.93 -10.66
C SER B 242 14.29 24.86 -11.56
N LEU B 243 14.55 23.68 -11.01
CA LEU B 243 15.09 22.56 -11.80
C LEU B 243 14.01 22.06 -12.74
N CYS B 244 12.81 21.87 -12.19
CA CYS B 244 11.64 21.47 -12.97
C CYS B 244 11.34 22.48 -14.09
N GLN B 245 11.27 23.76 -13.74
CA GLN B 245 10.98 24.82 -14.74
C GLN B 245 11.95 24.78 -15.93
N LEU B 246 13.16 24.33 -15.69
CA LEU B 246 14.21 24.27 -16.71
C LEU B 246 13.96 23.11 -17.68
N ILE B 247 13.59 21.95 -17.15
CA ILE B 247 13.32 20.77 -17.98
C ILE B 247 12.04 20.98 -18.79
N GLU B 248 10.99 21.46 -18.13
CA GLU B 248 9.73 21.78 -18.80
C GLU B 248 9.91 22.73 -19.98
N ALA B 249 10.78 23.72 -19.83
CA ALA B 249 11.01 24.69 -20.91
C ALA B 249 11.56 23.95 -22.13
N HIS B 250 12.48 23.01 -21.92
CA HIS B 250 12.98 22.21 -23.02
C HIS B 250 11.89 21.35 -23.64
N PHE B 251 11.09 20.68 -22.78
CA PHE B 251 9.95 19.87 -23.23
C PHE B 251 8.95 20.68 -24.06
N GLN B 252 8.67 21.92 -23.66
CA GLN B 252 7.72 22.78 -24.38
C GLN B 252 8.25 23.22 -25.75
N GLN B 253 9.53 23.60 -25.81
CA GLN B 253 10.15 24.02 -27.05
C GLN B 253 10.40 22.84 -27.99
N SER B 254 10.72 21.69 -27.43
CA SER B 254 10.96 20.48 -28.22
C SER B 254 9.69 19.72 -28.53
N LYS B 255 8.53 20.24 -28.11
CA LYS B 255 7.23 19.60 -28.39
C LYS B 255 7.22 18.15 -27.89
N ILE B 256 7.65 17.94 -26.65
CA ILE B 256 7.67 16.62 -26.02
C ILE B 256 6.64 16.56 -24.91
N ASP B 257 5.74 15.58 -25.00
CA ASP B 257 4.64 15.44 -24.04
C ASP B 257 4.73 14.15 -23.21
N ASP B 258 5.12 13.04 -23.85
CA ASP B 258 5.20 11.76 -23.17
C ASP B 258 6.45 11.69 -22.30
N ALA B 259 6.23 11.33 -21.04
CA ALA B 259 7.27 11.11 -20.08
C ALA B 259 6.77 10.22 -18.93
N PHE B 260 7.70 9.62 -18.20
CA PHE B 260 7.37 8.90 -16.99
C PHE B 260 8.40 9.14 -15.89
N LEU B 261 8.09 8.71 -14.68
CA LEU B 261 8.81 9.17 -13.49
C LEU B 261 9.33 8.02 -12.66
N CYS B 262 10.47 8.26 -12.02
CA CYS B 262 11.12 7.27 -11.19
C CYS B 262 11.61 7.93 -9.94
N CYS B 263 11.51 7.24 -8.80
CA CYS B 263 12.05 7.78 -7.55
C CYS B 263 12.64 6.68 -6.67
N ASP B 264 13.60 7.05 -5.83
CA ASP B 264 14.11 6.13 -4.81
C ASP B 264 13.12 5.99 -3.65
N LEU B 265 12.94 4.75 -3.18
CA LEU B 265 12.03 4.44 -2.08
C LEU B 265 12.74 4.64 -0.72
N VAL B 266 12.93 5.91 -0.38
CA VAL B 266 13.63 6.36 0.83
C VAL B 266 12.88 7.57 1.38
N ASP B 267 13.37 8.16 2.46
CA ASP B 267 12.75 9.36 3.02
C ASP B 267 12.55 10.38 1.90
N PRO B 268 11.32 10.89 1.75
CA PRO B 268 10.99 11.86 0.71
C PRO B 268 11.94 13.06 0.58
N ALA B 269 12.44 13.58 1.68
CA ALA B 269 13.37 14.71 1.64
C ALA B 269 14.69 14.35 0.95
N HIS B 270 15.10 13.09 1.10
CA HIS B 270 16.36 12.59 0.53
C HIS B 270 16.21 11.80 -0.78
N THR B 271 15.04 11.82 -1.41
CA THR B 271 14.86 11.04 -2.63
C THR B 271 15.39 11.79 -3.83
N ARG B 272 15.61 11.07 -4.91
CA ARG B 272 15.86 11.69 -6.19
C ARG B 272 14.68 11.37 -7.10
N PHE B 273 14.28 12.36 -7.89
CA PHE B 273 13.28 12.18 -8.93
C PHE B 273 13.98 12.17 -10.26
N LYS B 274 13.60 11.26 -11.12
CA LYS B 274 14.14 11.23 -12.46
C LYS B 274 12.96 11.23 -13.41
N VAL B 275 12.95 12.17 -14.34
CA VAL B 275 11.94 12.22 -15.38
C VAL B 275 12.53 11.65 -16.66
N TYR B 276 11.82 10.74 -17.30
CA TYR B 276 12.28 10.05 -18.51
C TYR B 276 11.47 10.49 -19.70
N ILE B 277 12.13 10.56 -20.86
CA ILE B 277 11.48 10.79 -22.12
C ILE B 277 12.09 9.86 -23.19
N ALA B 278 11.39 9.75 -24.32
CA ALA B 278 11.83 8.88 -25.40
C ALA B 278 11.73 9.65 -26.70
N ASP B 279 12.64 9.41 -27.62
CA ASP B 279 12.59 10.13 -28.90
C ASP B 279 12.96 9.15 -29.98
N PRO B 280 12.10 9.02 -31.02
CA PRO B 280 12.34 8.06 -32.09
C PRO B 280 13.30 8.56 -33.16
N LEU B 281 13.65 9.85 -33.12
CA LEU B 281 14.64 10.39 -34.06
C LEU B 281 15.99 10.07 -33.43
N VAL B 282 16.59 8.98 -33.86
CA VAL B 282 17.80 8.44 -33.24
C VAL B 282 19.03 8.96 -33.99
N THR B 283 19.36 10.21 -33.71
CA THR B 283 20.60 10.81 -34.22
C THR B 283 21.33 11.51 -33.09
N LEU B 284 22.65 11.62 -33.27
CA LEU B 284 23.53 12.34 -32.36
C LEU B 284 22.98 13.73 -32.09
N ALA B 285 22.68 14.47 -33.15
CA ALA B 285 22.17 15.85 -33.01
C ALA B 285 20.99 15.91 -32.04
N ARG B 286 20.06 14.98 -32.17
CA ARG B 286 18.89 14.98 -31.31
C ARG B 286 19.29 14.58 -29.89
N ALA B 287 20.19 13.60 -29.77
CA ALA B 287 20.75 13.23 -28.47
C ALA B 287 21.43 14.43 -27.78
N GLU B 288 22.29 15.14 -28.51
CA GLU B 288 22.90 16.38 -28.01
C GLU B 288 21.87 17.42 -27.58
N GLU B 289 20.80 17.61 -28.36
CA GLU B 289 19.81 18.62 -28.01
C GLU B 289 19.17 18.29 -26.65
N HIS B 290 18.90 17.01 -26.41
CA HIS B 290 18.27 16.64 -25.15
C HIS B 290 19.26 16.69 -23.99
N TRP B 291 20.48 16.24 -24.21
CA TRP B 291 21.47 16.14 -23.15
C TRP B 291 21.78 17.51 -22.59
N THR B 292 21.78 18.54 -23.43
CA THR B 292 22.04 19.89 -22.97
C THR B 292 20.76 20.66 -22.64
N LEU B 293 19.60 19.98 -22.65
CA LEU B 293 18.29 20.64 -22.57
C LEU B 293 18.16 21.84 -23.50
N GLY B 294 18.52 21.67 -24.77
CA GLY B 294 18.44 22.76 -25.74
C GLY B 294 19.43 23.87 -25.51
N GLY B 295 20.62 23.51 -25.00
CA GLY B 295 21.66 24.49 -24.68
C GLY B 295 21.49 25.10 -23.29
N ARG B 296 20.51 24.63 -22.51
CA ARG B 296 20.19 25.28 -21.25
C ARG B 296 21.16 24.96 -20.12
N LEU B 297 21.77 23.77 -20.14
CA LEU B 297 22.82 23.46 -19.19
C LEU B 297 24.17 23.31 -19.88
N THR B 298 25.12 24.16 -19.46
CA THR B 298 26.48 24.25 -20.02
C THR B 298 27.58 23.92 -18.99
N ASP B 299 27.21 23.36 -17.84
CA ASP B 299 28.19 23.11 -16.77
C ASP B 299 29.23 22.05 -17.13
N GLU B 300 30.31 22.03 -16.36
CA GLU B 300 31.49 21.24 -16.65
C GLU B 300 31.15 19.78 -16.91
N ASP B 301 30.32 19.21 -16.04
CA ASP B 301 29.94 17.81 -16.16
C ASP B 301 29.20 17.55 -17.47
N ALA B 302 28.22 18.39 -17.76
CA ALA B 302 27.48 18.30 -19.01
C ALA B 302 28.45 18.39 -20.20
N ALA B 303 29.31 19.41 -20.17
CA ALA B 303 30.29 19.67 -21.22
C ALA B 303 31.17 18.46 -21.50
N VAL B 304 31.72 17.88 -20.45
CA VAL B 304 32.61 16.74 -20.58
C VAL B 304 31.83 15.53 -21.08
N GLY B 305 30.63 15.34 -20.52
CA GLY B 305 29.72 14.29 -20.98
C GLY B 305 29.39 14.40 -22.46
N LEU B 306 29.06 15.61 -22.91
CA LEU B 306 28.77 15.82 -24.32
C LEU B 306 29.92 15.34 -25.19
N GLU B 307 31.15 15.71 -24.85
CA GLU B 307 32.31 15.34 -25.66
C GLU B 307 32.59 13.84 -25.65
N ILE B 308 32.34 13.18 -24.53
CA ILE B 308 32.49 11.74 -24.48
C ILE B 308 31.44 11.06 -25.39
N ILE B 309 30.20 11.56 -25.37
CA ILE B 309 29.07 10.93 -26.08
C ILE B 309 29.25 10.93 -27.61
N ARG B 310 29.79 12.01 -28.15
CA ARG B 310 30.01 12.11 -29.59
C ARG B 310 30.99 11.06 -30.08
N GLY B 311 31.97 10.70 -29.25
CA GLY B 311 32.94 9.69 -29.62
C GLY B 311 32.35 8.31 -29.51
N LEU B 312 31.53 8.10 -28.47
CA LEU B 312 30.94 6.80 -28.16
C LEU B 312 29.89 6.44 -29.17
N TRP B 313 28.99 7.38 -29.42
CA TRP B 313 27.91 7.22 -30.39
C TRP B 313 28.44 6.89 -31.79
N SER B 314 29.45 7.64 -32.26
CA SER B 314 30.09 7.34 -33.54
C SER B 314 30.77 5.98 -33.58
N GLU B 315 31.42 5.59 -32.48
CA GLU B 315 32.17 4.34 -32.44
C GLU B 315 31.20 3.16 -32.45
N LEU B 316 30.12 3.27 -31.67
CA LEU B 316 29.15 2.19 -31.56
C LEU B 316 28.33 2.04 -32.83
N GLY B 317 28.14 3.17 -33.52
CA GLY B 317 27.33 3.24 -34.74
C GLY B 317 25.87 3.02 -34.42
N ILE B 318 25.36 3.74 -33.42
CA ILE B 318 23.96 3.66 -33.06
C ILE B 318 23.11 3.84 -34.32
N ILE B 319 22.24 2.87 -34.56
CA ILE B 319 21.47 2.77 -35.79
C ILE B 319 20.30 3.74 -35.76
N GLN B 320 20.19 4.56 -36.82
CA GLN B 320 19.05 5.46 -36.99
C GLN B 320 17.88 4.68 -37.56
N GLY B 321 16.93 4.33 -36.71
CA GLY B 321 15.72 3.62 -37.13
C GLY B 321 14.70 4.61 -37.66
N PRO B 322 13.60 4.09 -38.25
CA PRO B 322 12.52 4.94 -38.77
C PRO B 322 11.61 5.51 -37.68
N LEU B 323 10.89 6.60 -37.98
CA LEU B 323 10.13 7.37 -36.99
C LEU B 323 8.89 6.63 -36.45
N GLU B 324 8.11 6.02 -37.33
CA GLU B 324 6.87 5.35 -36.93
C GLU B 324 7.18 4.11 -36.08
N PRO B 325 6.57 4.01 -34.88
CA PRO B 325 6.78 2.88 -33.96
C PRO B 325 6.52 1.48 -34.55
N SER B 326 5.68 1.40 -35.57
CA SER B 326 5.42 0.15 -36.30
C SER B 326 6.70 -0.39 -36.97
N ALA B 327 7.27 0.39 -37.89
CA ALA B 327 8.47 -0.02 -38.64
C ALA B 327 9.70 -0.18 -37.74
N MET B 328 9.77 0.64 -36.69
CA MET B 328 10.84 0.51 -35.70
C MET B 328 10.70 -0.81 -34.95
N MET B 329 9.51 -1.12 -34.45
CA MET B 329 9.26 -2.38 -33.74
C MET B 329 9.66 -3.62 -34.57
N GLU B 330 9.29 -3.63 -35.85
CA GLU B 330 9.46 -4.81 -36.71
C GLU B 330 10.92 -5.20 -36.94
N LYS B 331 11.76 -4.21 -37.25
CA LYS B 331 13.22 -4.42 -37.33
C LYS B 331 13.92 -4.55 -35.93
N GLY B 332 13.14 -4.58 -34.84
CA GLY B 332 13.67 -4.78 -33.49
C GLY B 332 14.53 -3.67 -32.89
N LEU B 333 14.44 -2.46 -33.46
CA LEU B 333 15.20 -1.30 -33.03
C LEU B 333 14.46 -0.52 -31.95
N LEU B 334 15.19 0.35 -31.26
CA LEU B 334 14.69 1.09 -30.10
C LEU B 334 14.97 2.60 -30.27
N PRO B 335 14.25 3.45 -29.52
CA PRO B 335 14.49 4.89 -29.59
C PRO B 335 15.61 5.34 -28.66
N ILE B 336 15.98 6.62 -28.70
CA ILE B 336 16.84 7.12 -27.64
C ILE B 336 15.96 7.46 -26.45
N MET B 337 16.49 7.32 -25.25
CA MET B 337 15.82 7.84 -24.06
C MET B 337 16.83 8.68 -23.25
N LEU B 338 16.31 9.64 -22.50
CA LEU B 338 17.08 10.34 -21.51
C LEU B 338 16.27 10.36 -20.24
N ASN B 339 16.94 10.44 -19.08
CA ASN B 339 16.31 10.92 -17.87
C ASN B 339 17.05 12.14 -17.35
N TYR B 340 16.33 12.95 -16.60
CA TYR B 340 16.86 14.14 -15.96
C TYR B 340 16.68 14.01 -14.47
N GLU B 341 17.77 14.05 -13.71
CA GLU B 341 17.74 13.73 -12.28
C GLU B 341 17.67 14.98 -11.42
N MET B 342 16.72 15.02 -10.49
CA MET B 342 16.53 16.13 -9.57
C MET B 342 16.67 15.62 -8.14
N LYS B 343 17.27 16.43 -7.28
CA LYS B 343 17.44 16.08 -5.87
C LYS B 343 17.43 17.37 -5.06
N ALA B 344 16.96 17.32 -3.81
CA ALA B 344 16.81 18.54 -2.98
C ALA B 344 18.04 19.45 -3.00
N GLY B 345 19.22 18.83 -2.86
CA GLY B 345 20.47 19.60 -2.80
C GLY B 345 20.92 20.32 -4.06
N GLN B 346 20.60 19.81 -5.25
CA GLN B 346 21.32 20.22 -6.47
C GLN B 346 20.73 21.46 -7.14
N ARG B 347 21.60 22.21 -7.84
CA ARG B 347 21.22 23.46 -8.51
C ARG B 347 20.69 23.26 -9.94
N LEU B 348 21.27 22.32 -10.67
CA LEU B 348 20.87 22.04 -12.05
C LEU B 348 20.49 20.56 -12.18
N PRO B 349 19.61 20.22 -13.15
CA PRO B 349 19.27 18.82 -13.39
C PRO B 349 20.41 18.06 -14.06
N LYS B 350 20.50 16.77 -13.76
CA LYS B 350 21.58 15.93 -14.26
C LYS B 350 21.05 14.96 -15.33
N PRO B 351 21.51 15.09 -16.57
CA PRO B 351 21.03 14.26 -17.64
C PRO B 351 21.67 12.88 -17.68
N LYS B 352 20.93 11.90 -18.17
CA LYS B 352 21.49 10.57 -18.46
C LYS B 352 20.94 10.14 -19.81
N LEU B 353 21.82 9.63 -20.68
CA LEU B 353 21.41 9.22 -22.03
C LEU B 353 21.39 7.71 -22.13
N TYR B 354 20.31 7.17 -22.70
CA TYR B 354 20.23 5.74 -22.99
C TYR B 354 20.38 5.55 -24.48
N MET B 355 21.48 4.94 -24.90
CA MET B 355 21.74 4.69 -26.30
C MET B 355 21.24 3.28 -26.65
N PRO B 356 20.38 3.15 -27.67
CA PRO B 356 19.89 1.83 -28.06
C PRO B 356 20.96 1.06 -28.78
N LEU B 357 21.11 -0.22 -28.47
CA LEU B 357 22.19 -1.02 -29.01
C LEU B 357 21.71 -2.22 -29.83
N THR B 358 20.39 -2.42 -29.89
CA THR B 358 19.85 -3.61 -30.58
C THR B 358 20.12 -3.42 -32.04
N GLY B 359 20.57 -4.48 -32.69
CA GLY B 359 21.00 -4.39 -34.07
C GLY B 359 22.50 -4.17 -34.21
N ILE B 360 23.20 -3.91 -33.09
CA ILE B 360 24.67 -3.85 -33.13
C ILE B 360 25.23 -5.17 -32.64
N PRO B 361 26.16 -5.78 -33.41
CA PRO B 361 26.77 -7.02 -32.94
C PRO B 361 27.43 -6.93 -31.54
N GLU B 362 27.19 -7.91 -30.70
CA GLU B 362 27.70 -7.87 -29.34
C GLU B 362 29.23 -7.70 -29.26
N THR B 363 29.98 -8.34 -30.15
CA THR B 363 31.45 -8.28 -30.06
C THR B 363 31.97 -6.88 -30.36
N LYS B 364 31.26 -6.14 -31.20
CA LYS B 364 31.60 -4.74 -31.50
C LYS B 364 31.38 -3.89 -30.27
N ILE B 365 30.27 -4.14 -29.57
CA ILE B 365 29.98 -3.41 -28.35
C ILE B 365 31.08 -3.69 -27.32
N ALA B 366 31.47 -4.96 -27.19
CA ALA B 366 32.58 -5.36 -26.32
C ALA B 366 33.90 -4.72 -26.74
N ARG B 367 34.18 -4.66 -28.04
CA ARG B 367 35.40 -4.02 -28.54
C ARG B 367 35.45 -2.54 -28.09
N ILE B 368 34.34 -1.82 -28.25
CA ILE B 368 34.30 -0.38 -27.95
C ILE B 368 34.30 -0.15 -26.44
N MET B 369 33.50 -0.93 -25.72
CA MET B 369 33.45 -0.78 -24.27
C MET B 369 34.81 -0.99 -23.65
N THR B 370 35.51 -2.04 -24.08
CA THR B 370 36.85 -2.32 -23.59
C THR B 370 37.81 -1.18 -23.87
N ALA B 371 37.74 -0.57 -25.05
CA ALA B 371 38.63 0.55 -25.37
C ALA B 371 38.25 1.77 -24.53
N PHE B 372 36.95 1.96 -24.28
CA PHE B 372 36.49 3.11 -23.52
C PHE B 372 36.99 3.02 -22.07
N PHE B 373 36.85 1.84 -21.47
CA PHE B 373 37.30 1.67 -20.09
C PHE B 373 38.80 1.95 -19.94
N GLN B 374 39.60 1.54 -20.93
CA GLN B 374 41.04 1.75 -20.92
C GLN B 374 41.42 3.24 -20.94
N ARG B 375 40.75 4.00 -21.79
CA ARG B 375 40.97 5.45 -21.90
C ARG B 375 40.59 6.23 -20.65
N HIS B 376 39.66 5.72 -19.83
CA HIS B 376 39.15 6.49 -18.70
C HIS B 376 39.58 5.95 -17.33
N ASP B 377 40.68 5.18 -17.32
CA ASP B 377 41.27 4.62 -16.09
C ASP B 377 40.28 3.75 -15.35
N MET B 378 39.61 2.87 -16.08
CA MET B 378 38.85 1.75 -15.52
C MET B 378 39.45 0.47 -16.11
N PRO B 379 40.76 0.23 -15.89
CA PRO B 379 41.41 -0.91 -16.56
C PRO B 379 40.96 -2.27 -16.04
N GLU B 380 40.33 -2.29 -14.87
CA GLU B 380 39.84 -3.53 -14.27
C GLU B 380 38.53 -3.99 -14.92
N GLN B 381 37.85 -3.07 -15.59
CA GLN B 381 36.67 -3.36 -16.37
C GLN B 381 37.08 -3.86 -17.78
N ALA B 382 38.09 -3.21 -18.35
CA ALA B 382 38.58 -3.53 -19.69
C ALA B 382 39.01 -4.98 -19.87
N GLU B 383 39.75 -5.51 -18.91
CA GLU B 383 40.29 -6.87 -18.98
C GLU B 383 39.20 -7.91 -19.22
N VAL B 384 38.15 -7.86 -18.42
CA VAL B 384 37.22 -8.98 -18.29
C VAL B 384 35.88 -8.81 -19.01
N PHE B 385 35.66 -7.67 -19.66
CA PHE B 385 34.33 -7.37 -20.19
C PHE B 385 33.86 -8.43 -21.17
N MET B 386 34.69 -8.79 -22.13
CA MET B 386 34.30 -9.75 -23.16
C MET B 386 34.10 -11.15 -22.60
N GLU B 387 35.04 -11.64 -21.81
CA GLU B 387 34.91 -13.00 -21.27
C GLU B 387 33.70 -13.12 -20.34
N ASN B 388 33.32 -12.01 -19.69
CA ASN B 388 32.12 -11.97 -18.85
C ASN B 388 30.85 -11.92 -19.69
N LEU B 389 30.89 -11.17 -20.78
CA LEU B 389 29.78 -11.11 -21.73
C LEU B 389 29.56 -12.51 -22.28
N GLN B 390 30.65 -13.17 -22.66
CA GLN B 390 30.54 -14.50 -23.22
C GLN B 390 29.94 -15.49 -22.21
N ALA B 391 30.30 -15.36 -20.94
CA ALA B 391 29.86 -16.35 -19.95
C ALA B 391 28.38 -16.13 -19.58
N TYR B 392 27.89 -14.88 -19.65
CA TYR B 392 26.45 -14.64 -19.47
C TYR B 392 25.64 -15.32 -20.59
N TYR B 393 26.23 -15.44 -21.77
CA TYR B 393 25.58 -16.08 -22.92
C TYR B 393 26.42 -17.25 -23.42
N GLU B 394 26.72 -18.18 -22.52
CA GLU B 394 27.64 -19.29 -22.79
C GLU B 394 27.25 -20.05 -24.04
N GLY B 395 28.24 -20.34 -24.89
CA GLY B 395 28.01 -21.10 -26.13
C GLY B 395 27.48 -20.31 -27.31
N LYS B 396 26.96 -19.11 -27.07
CA LYS B 396 26.33 -18.31 -28.13
C LYS B 396 27.37 -17.51 -28.92
N ASN B 397 27.07 -17.26 -30.19
CA ASN B 397 27.98 -16.56 -31.10
C ASN B 397 27.78 -15.06 -31.00
N LEU B 398 28.72 -14.38 -30.33
CA LEU B 398 28.55 -12.97 -30.00
C LEU B 398 28.71 -12.08 -31.23
N GLU B 399 29.43 -12.57 -32.23
CA GLU B 399 29.55 -11.88 -33.52
C GLU B 399 28.23 -11.78 -34.29
N GLU B 400 27.36 -12.80 -34.15
CA GLU B 400 26.09 -12.85 -34.88
C GLU B 400 24.93 -12.24 -34.11
N ALA B 401 24.96 -12.43 -32.78
CA ALA B 401 23.95 -11.90 -31.87
C ALA B 401 23.96 -10.37 -31.88
N THR B 402 22.78 -9.78 -31.96
CA THR B 402 22.64 -8.32 -31.95
C THR B 402 21.56 -7.88 -30.95
N ARG B 403 21.10 -8.80 -30.10
CA ARG B 403 19.96 -8.55 -29.23
C ARG B 403 20.19 -9.02 -27.80
N TYR B 404 21.40 -8.88 -27.30
CA TYR B 404 21.69 -9.26 -25.94
C TYR B 404 21.87 -8.01 -25.11
N GLN B 405 22.82 -7.17 -25.52
CA GLN B 405 23.01 -5.90 -24.86
C GLN B 405 22.10 -4.92 -25.59
N ALA B 406 21.08 -4.45 -24.89
CA ALA B 406 19.98 -3.71 -25.50
C ALA B 406 20.15 -2.20 -25.34
N TRP B 407 20.67 -1.78 -24.21
CA TRP B 407 20.86 -0.36 -23.96
C TRP B 407 22.17 -0.10 -23.26
N LEU B 408 22.76 1.06 -23.57
CA LEU B 408 23.90 1.58 -22.84
C LEU B 408 23.53 2.96 -22.35
N SER B 409 23.40 3.11 -21.03
CA SER B 409 23.17 4.43 -20.44
C SER B 409 24.50 5.08 -20.13
N PHE B 410 24.51 6.41 -20.14
CA PHE B 410 25.70 7.17 -19.88
C PHE B 410 25.40 8.40 -19.07
N ALA B 411 26.20 8.60 -18.01
CA ALA B 411 26.14 9.82 -17.20
C ALA B 411 27.57 10.17 -16.77
N TYR B 412 27.83 11.40 -16.33
CA TYR B 412 29.20 11.79 -15.94
C TYR B 412 29.24 12.76 -14.77
N THR B 413 30.20 12.56 -13.86
CA THR B 413 30.54 13.57 -12.86
C THR B 413 32.06 13.66 -12.80
N LYS B 414 32.61 14.85 -12.54
CA LYS B 414 34.05 14.99 -12.29
C LYS B 414 34.52 14.03 -11.18
N GLU B 415 33.78 13.96 -10.08
CA GLU B 415 34.21 13.22 -8.87
C GLU B 415 34.30 11.72 -9.11
N LYS B 416 33.20 11.13 -9.59
CA LYS B 416 33.09 9.67 -9.78
C LYS B 416 33.39 9.22 -11.21
N GLY B 417 33.54 10.17 -12.14
CA GLY B 417 33.82 9.84 -13.55
C GLY B 417 32.65 9.30 -14.35
N PRO B 418 32.95 8.68 -15.51
CA PRO B 418 31.89 8.14 -16.37
C PRO B 418 31.10 7.02 -15.70
N TYR B 419 29.80 7.14 -15.77
CA TYR B 419 28.86 6.21 -15.18
C TYR B 419 28.13 5.53 -16.36
N LEU B 420 28.37 4.24 -16.56
CA LEU B 420 27.77 3.47 -17.65
C LEU B 420 27.01 2.25 -17.14
N SER B 421 25.77 2.05 -17.59
CA SER B 421 25.04 0.81 -17.30
C SER B 421 24.63 0.14 -18.60
N ILE B 422 24.72 -1.20 -18.63
CA ILE B 422 24.23 -2.03 -19.73
C ILE B 422 22.96 -2.76 -19.28
N TYR B 423 21.93 -2.69 -20.12
CA TYR B 423 20.67 -3.36 -19.84
C TYR B 423 20.57 -4.59 -20.73
N TYR B 424 20.31 -5.77 -20.15
CA TYR B 424 20.34 -7.03 -20.92
C TYR B 424 18.99 -7.54 -21.36
N PHE B 425 18.97 -8.15 -22.54
CA PHE B 425 17.83 -8.91 -23.03
C PHE B 425 18.12 -10.39 -22.90
N TRP B 426 17.07 -11.15 -22.58
CA TRP B 426 17.17 -12.59 -22.45
C TRP B 426 17.31 -13.16 -23.82
N PRO B 427 18.09 -14.24 -23.94
CA PRO B 427 18.25 -14.92 -25.22
C PRO B 427 16.93 -15.47 -25.78
N GLU B 428 16.81 -15.48 -27.10
CA GLU B 428 15.63 -15.99 -27.80
C GLU B 428 15.65 -17.52 -27.91
O 0MV C . -11.00 3.69 21.21
C 0MV C . -10.43 2.72 20.70
NAM 0MV C . -9.02 2.73 20.70
CAS 0MV C . -8.26 1.73 20.09
CAG 0MV C . -7.17 2.25 19.40
CAC 0MV C . -6.32 1.38 18.71
CAD 0MV C . -6.57 0.01 18.72
CAH 0MV C . -7.67 -0.52 19.40
CAT 0MV C . -8.51 0.36 20.09
CAP 0MV C . -9.57 -0.25 20.74
OAA 0MV C . -9.43 -1.34 21.32
N 0MV C . -10.83 0.37 20.79
CA 0MV C . -11.18 1.67 20.12
CB 0MV C . -12.66 1.94 20.13
CG 0MV C . -13.29 0.74 19.41
CD2 0MV C . -13.22 0.46 18.10
CE3 0MV C . -12.64 1.11 17.08
CZ3 0MV C . -12.74 0.59 15.79
CH2 0MV C . -13.44 -0.58 15.59
CZ2 0MV C . -14.02 -1.21 16.69
CE2 0MV C . -13.90 -0.68 17.90
NE1 0MV C . -14.37 -1.11 19.09
CD1 0MV C . -13.99 -0.23 20.02
P1 PIS D . -20.82 2.44 12.00
O1 PIS D . -19.98 2.64 13.33
P2 PIS D . -18.53 1.93 13.46
S1 PIS D . -17.76 2.70 14.69
O2 PIS D . -20.67 3.83 11.17
O3 PIS D . -22.33 2.35 12.53
O4 PIS D . -17.77 2.04 12.18
O5 PIS D . -20.47 1.23 11.21
O6 PIS D . -18.77 0.39 13.93
N1 IMD E . -16.02 2.22 18.67
C2 IMD E . -15.69 3.19 19.56
N3 IMD E . -16.14 2.83 20.78
C4 IMD E . -16.76 1.63 20.66
C5 IMD E . -16.69 1.25 19.33
C1 EDO F . -12.80 -1.01 23.64
O1 EDO F . -13.07 -2.15 22.79
C2 EDO F . -11.38 -0.99 24.20
O2 EDO F . -11.04 -2.28 24.76
NA NA G . -21.87 -5.77 30.16
C1 EDO H . -6.93 -29.53 10.81
O1 EDO H . -8.32 -29.83 11.01
C2 EDO H . -6.77 -28.59 9.64
O2 EDO H . -7.05 -27.26 10.08
O 0MV I . 10.41 2.72 -21.88
C 0MV I . 10.09 1.73 -21.22
NAM 0MV I . 8.73 1.46 -21.11
CAS 0MV I . 8.21 0.37 -20.38
CAG 0MV I . 7.05 0.70 -19.68
CAC 0MV I . 6.42 -0.28 -18.92
CAD 0MV I . 6.96 -1.56 -18.84
CAH 0MV I . 8.11 -1.88 -19.53
CAT 0MV I . 8.73 -0.92 -20.32
CAP 0MV I . 9.90 -1.34 -20.96
OAA 0MV I . 9.99 -2.48 -21.44
N 0MV I . 11.00 -0.48 -21.11
CA 0MV I . 11.06 0.90 -20.57
CB 0MV I . 12.48 1.47 -20.58
CG 0MV I . 13.26 0.52 -19.63
CD2 0MV I . 13.14 0.43 -18.29
CE3 0MV I . 12.37 1.10 -17.40
CZ3 0MV I . 12.46 0.81 -16.05
CH2 0MV I . 13.35 -0.19 -15.64
CZ2 0MV I . 14.11 -0.85 -16.61
CE2 0MV I . 13.99 -0.53 -17.90
NE1 0MV I . 14.62 -1.01 -18.98
CD1 0MV I . 14.15 -0.37 -20.05
P1 PIS J . 20.01 4.70 -12.45
O1 PIS J . 19.10 4.71 -13.75
P2 PIS J . 17.89 3.59 -13.89
S1 PIS J . 17.20 3.93 -15.38
O2 PIS J . 19.66 6.05 -11.69
O3 PIS J . 21.53 4.70 -12.99
O4 PIS J . 16.95 3.69 -12.73
O5 PIS J . 19.81 3.48 -11.60
O6 PIS J . 18.51 2.12 -14.14
C1 EDO K . 13.09 -2.37 -23.58
O1 EDO K . 11.89 -2.94 -24.14
C2 EDO K . 13.44 -3.17 -22.32
O2 EDO K . 14.72 -2.84 -21.78
N1 IMD L . 15.51 3.37 -20.39
C2 IMD L . 15.58 2.81 -19.15
N3 IMD L . 16.29 1.67 -19.24
C4 IMD L . 16.65 1.49 -20.53
C5 IMD L . 16.15 2.56 -21.26
C1 EDO M . 12.15 -29.08 -6.56
O1 EDO M . 13.48 -29.24 -7.06
C2 EDO M . 12.07 -27.79 -5.74
O2 EDO M . 11.97 -26.65 -6.60
#